data_7DSJ
#
_entry.id   7DSJ
#
_cell.length_a   78.328
_cell.length_b   89.488
_cell.length_c   110.299
_cell.angle_alpha   90.000
_cell.angle_beta   90.000
_cell.angle_gamma   90.000
#
_symmetry.space_group_name_H-M   'P 21 21 21'
#
loop_
_entity.id
_entity.type
_entity.pdbx_description
1 polymer 'Anthranilate phosphoribosyltransferase'
2 non-polymer 1-O-pyrophosphono-5-O-phosphono-alpha-D-ribofuranose
3 non-polymer 'MAGNESIUM ION'
4 water water
#
_entity_poly.entity_id   1
_entity_poly.type   'polypeptide(L)'
_entity_poly.pdbx_seq_one_letter_code
;HHMSEATLLSYTKKLLASPPQLSSTDLHDALLVILSLLQKCDTNSDESLSIYTKVSSFLTALRVTKLDHKAEYIAEAAKA
VLRHSDLVDLPLPKKDELHPEDGPVILDIVGTGGDGQNTFNVSTSAAIVASGIQGLKICKHGGKASTSNSGAGDLIGTLG
CDMFKVNSSTVPKLWPDNTFMFLLAPFFHHGMGHVSKIRKFLGIPTVFNVLGPLLHPVSHVNKRILGVYSKELAPEYAKA
AALVYPGSETFIVWGHVGLDEVSPIGKTTVWHIDPTSSELKLKTFQLEPSMFGLEEHELSKCASYGPKENARILKEEVLS
GKYHLGDNNPIYDYILMNTAVLYCLSQGHQNWKEGIIKAEESIHSGNALRSLEHFIDSVSSL
;
_entity_poly.pdbx_strand_id   A,B
#
loop_
_chem_comp.id
_chem_comp.type
_chem_comp.name
_chem_comp.formula
MG non-polymer 'MAGNESIUM ION' 'Mg 2'
PRP D-saccharide 1-O-pyrophosphono-5-O-phosphono-alpha-D-ribofuranose 'C5 H13 O14 P3'
#
# COMPACT_ATOMS: atom_id res chain seq x y z
N HIS A 1 23.23 1.47 -8.35
CA HIS A 1 22.47 0.71 -9.40
C HIS A 1 21.02 1.22 -9.40
N HIS A 2 20.53 1.62 -10.57
CA HIS A 2 19.14 2.10 -10.74
C HIS A 2 18.15 0.95 -10.52
N MET A 3 18.57 -0.30 -10.73
CA MET A 3 17.68 -1.49 -10.61
C MET A 3 17.74 -2.02 -9.18
N SER A 4 17.21 -1.27 -8.21
CA SER A 4 17.43 -1.54 -6.76
C SER A 4 16.17 -1.24 -5.95
N GLU A 5 16.14 -1.86 -4.77
CA GLU A 5 15.15 -1.58 -3.70
C GLU A 5 15.11 -0.08 -3.40
N ALA A 6 16.27 0.57 -3.34
CA ALA A 6 16.40 2.04 -3.09
C ALA A 6 15.71 2.85 -4.18
N THR A 7 15.82 2.46 -5.45
CA THR A 7 15.10 3.17 -6.54
C THR A 7 13.60 2.92 -6.43
N LEU A 8 13.16 1.71 -6.07
CA LEU A 8 11.71 1.45 -5.94
C LEU A 8 11.14 2.30 -4.80
N LEU A 9 11.83 2.30 -3.65
CA LEU A 9 11.42 3.11 -2.46
C LEU A 9 11.20 4.56 -2.87
N SER A 10 12.10 5.13 -3.68
CA SER A 10 12.04 6.56 -4.07
C SER A 10 10.76 6.81 -4.87
N TYR A 11 10.34 5.83 -5.70
CA TYR A 11 9.08 5.92 -6.49
C TYR A 11 7.88 5.88 -5.55
N THR A 12 7.89 4.98 -4.57
CA THR A 12 6.79 4.84 -3.57
C THR A 12 6.63 6.18 -2.85
N LYS A 13 7.72 6.84 -2.44
CA LYS A 13 7.62 8.13 -1.69
C LYS A 13 6.87 9.18 -2.54
N LYS A 14 7.05 9.17 -3.86
CA LYS A 14 6.35 10.14 -4.74
C LYS A 14 4.84 9.90 -4.72
N LEU A 15 4.41 8.67 -4.45
CA LEU A 15 2.97 8.33 -4.33
C LEU A 15 2.43 8.76 -2.97
N LEU A 16 3.28 8.85 -1.94
CA LEU A 16 2.91 9.27 -0.55
C LEU A 16 2.80 10.79 -0.47
N ALA A 17 3.41 11.51 -1.41
CA ALA A 17 3.42 13.00 -1.44
C ALA A 17 1.99 13.53 -1.68
N SER A 18 1.75 14.78 -1.28
CA SER A 18 0.45 15.48 -1.41
C SER A 18 0.67 16.74 -2.26
N PRO A 19 0.22 16.74 -3.54
CA PRO A 19 -0.47 15.60 -4.13
C PRO A 19 0.58 14.62 -4.65
N PRO A 20 0.18 13.45 -5.16
CA PRO A 20 1.14 12.48 -5.71
C PRO A 20 2.08 13.08 -6.76
N GLN A 21 3.36 12.74 -6.71
CA GLN A 21 4.45 13.35 -7.51
C GLN A 21 4.95 12.31 -8.54
N LEU A 22 4.17 11.25 -8.80
CA LEU A 22 4.63 10.14 -9.67
C LEU A 22 4.03 10.35 -11.06
N SER A 23 4.87 10.51 -12.07
CA SER A 23 4.40 10.68 -13.47
C SER A 23 4.11 9.32 -14.11
N SER A 24 3.51 9.34 -15.30
CA SER A 24 3.24 8.13 -16.10
C SER A 24 4.56 7.48 -16.52
N THR A 25 5.61 8.25 -16.81
CA THR A 25 6.92 7.68 -17.19
C THR A 25 7.61 7.15 -15.94
N ASP A 26 7.39 7.75 -14.78
CA ASP A 26 7.89 7.20 -13.49
C ASP A 26 7.31 5.80 -13.30
N LEU A 27 6.02 5.62 -13.57
CA LEU A 27 5.32 4.32 -13.38
C LEU A 27 6.02 3.27 -14.24
N HIS A 28 6.24 3.59 -15.50
CA HIS A 28 6.97 2.75 -16.49
C HIS A 28 8.32 2.31 -15.91
N ASP A 29 9.09 3.27 -15.40
CA ASP A 29 10.46 3.02 -14.87
C ASP A 29 10.34 2.19 -13.58
N ALA A 30 9.36 2.50 -12.72
CA ALA A 30 9.13 1.75 -11.45
C ALA A 30 8.82 0.29 -11.75
N LEU A 31 7.97 0.01 -12.73
CA LEU A 31 7.55 -1.36 -13.08
C LEU A 31 8.76 -2.15 -13.58
N LEU A 32 9.65 -1.53 -14.36
CA LEU A 32 10.88 -2.21 -14.85
C LEU A 32 11.78 -2.58 -13.66
N VAL A 33 11.91 -1.68 -12.70
CA VAL A 33 12.63 -1.98 -11.43
C VAL A 33 11.95 -3.18 -10.73
N ILE A 34 10.63 -3.20 -10.64
CA ILE A 34 9.89 -4.26 -9.90
C ILE A 34 10.16 -5.60 -10.60
N LEU A 35 10.01 -5.62 -11.93
CA LEU A 35 10.15 -6.83 -12.76
C LEU A 35 11.59 -7.34 -12.66
N SER A 36 12.58 -6.43 -12.62
CA SER A 36 14.00 -6.77 -12.42
C SER A 36 14.19 -7.41 -11.03
N LEU A 37 13.78 -6.70 -9.97
CA LEU A 37 13.89 -7.18 -8.57
C LEU A 37 13.21 -8.55 -8.43
N LEU A 38 12.05 -8.75 -9.02
CA LEU A 38 11.28 -10.00 -8.75
C LEU A 38 11.88 -11.18 -9.52
N GLN A 39 12.56 -10.90 -10.63
CA GLN A 39 13.20 -11.92 -11.48
C GLN A 39 14.37 -12.55 -10.75
N LYS A 40 14.99 -11.81 -9.83
CA LYS A 40 16.28 -12.19 -9.19
C LYS A 40 16.04 -12.89 -7.85
N CYS A 41 14.94 -12.64 -7.13
CA CYS A 41 14.73 -13.27 -5.81
C CYS A 41 13.93 -14.57 -5.99
N ASP A 42 14.68 -15.66 -6.22
CA ASP A 42 14.18 -17.05 -6.40
C ASP A 42 14.42 -17.82 -5.09
N THR A 43 13.78 -17.37 -3.99
CA THR A 43 14.06 -17.82 -2.59
C THR A 43 12.96 -17.33 -1.64
N ASN A 44 13.04 -17.73 -0.37
CA ASN A 44 12.16 -17.28 0.75
C ASN A 44 13.02 -16.66 1.85
N SER A 45 14.19 -16.13 1.48
CA SER A 45 15.17 -15.40 2.35
C SER A 45 14.64 -14.01 2.74
N ASP A 46 15.47 -13.22 3.42
CA ASP A 46 15.12 -11.85 3.85
C ASP A 46 15.10 -10.92 2.62
N GLU A 47 15.91 -11.19 1.59
CA GLU A 47 16.00 -10.29 0.42
C GLU A 47 14.65 -10.32 -0.31
N SER A 48 14.04 -11.49 -0.43
CA SER A 48 12.73 -11.65 -1.12
C SER A 48 11.61 -11.11 -0.21
N LEU A 49 11.75 -11.29 1.10
CA LEU A 49 10.85 -10.66 2.11
C LEU A 49 10.87 -9.13 1.94
N SER A 50 12.06 -8.54 1.84
CA SER A 50 12.24 -7.08 1.69
C SER A 50 11.65 -6.61 0.35
N ILE A 51 11.95 -7.34 -0.72
CA ILE A 51 11.51 -6.97 -2.10
C ILE A 51 9.98 -7.05 -2.16
N TYR A 52 9.39 -8.13 -1.68
CA TYR A 52 7.94 -8.31 -1.66
C TYR A 52 7.29 -7.15 -0.88
N THR A 53 7.89 -6.77 0.25
CA THR A 53 7.42 -5.61 1.08
C THR A 53 7.34 -4.36 0.20
N LYS A 54 8.41 -4.01 -0.50
CA LYS A 54 8.47 -2.75 -1.28
C LYS A 54 7.58 -2.83 -2.52
N VAL A 55 7.41 -4.01 -3.11
CA VAL A 55 6.58 -4.15 -4.35
C VAL A 55 5.12 -4.01 -3.97
N SER A 56 4.73 -4.68 -2.90
CA SER A 56 3.38 -4.61 -2.30
C SER A 56 3.06 -3.14 -1.97
N SER A 57 3.99 -2.49 -1.29
CA SER A 57 3.88 -1.07 -0.85
C SER A 57 3.60 -0.19 -2.07
N PHE A 58 4.46 -0.26 -3.08
CA PHE A 58 4.33 0.52 -4.33
C PHE A 58 2.96 0.31 -4.99
N LEU A 59 2.61 -0.95 -5.30
CA LEU A 59 1.36 -1.30 -6.03
C LEU A 59 0.13 -0.87 -5.23
N THR A 60 0.15 -1.05 -3.91
CA THR A 60 -0.97 -0.68 -3.03
C THR A 60 -1.10 0.85 -3.05
N ALA A 61 0.00 1.57 -2.91
CA ALA A 61 0.00 3.05 -2.89
C ALA A 61 -0.60 3.53 -4.21
N LEU A 62 -0.15 2.93 -5.32
CA LEU A 62 -0.61 3.28 -6.69
C LEU A 62 -2.13 3.13 -6.75
N ARG A 63 -2.64 1.98 -6.36
CA ARG A 63 -4.09 1.66 -6.36
C ARG A 63 -4.85 2.73 -5.55
N VAL A 64 -4.34 3.17 -4.40
CA VAL A 64 -5.11 4.08 -3.51
C VAL A 64 -5.20 5.47 -4.17
N THR A 65 -4.13 5.93 -4.79
CA THR A 65 -4.09 7.23 -5.50
C THR A 65 -5.04 7.19 -6.71
N LYS A 66 -5.27 6.00 -7.28
CA LYS A 66 -6.13 5.72 -8.47
C LYS A 66 -5.41 6.19 -9.75
N LEU A 67 -4.11 6.47 -9.69
CA LEU A 67 -3.38 6.88 -10.90
C LEU A 67 -3.33 5.72 -11.89
N ASP A 68 -3.48 4.47 -11.43
CA ASP A 68 -3.44 3.27 -12.31
C ASP A 68 -4.75 3.17 -13.11
N HIS A 69 -5.67 4.12 -12.98
CA HIS A 69 -6.94 4.17 -13.76
C HIS A 69 -6.93 5.35 -14.75
N LYS A 70 -5.78 6.00 -14.92
CA LYS A 70 -5.58 7.08 -15.92
C LYS A 70 -4.91 6.47 -17.15
N ALA A 71 -5.41 6.81 -18.34
CA ALA A 71 -4.99 6.26 -19.64
C ALA A 71 -3.47 6.23 -19.76
N GLU A 72 -2.82 7.35 -19.48
CA GLU A 72 -1.37 7.56 -19.74
C GLU A 72 -0.58 6.64 -18.81
N TYR A 73 -1.09 6.36 -17.60
CA TYR A 73 -0.42 5.43 -16.63
C TYR A 73 -0.60 3.97 -17.07
N ILE A 74 -1.84 3.60 -17.39
CA ILE A 74 -2.16 2.26 -17.97
C ILE A 74 -1.27 2.06 -19.20
N ALA A 75 -1.25 3.02 -20.11
CA ALA A 75 -0.44 2.91 -21.34
C ALA A 75 1.03 2.62 -20.98
N GLU A 76 1.59 3.40 -20.07
CA GLU A 76 3.02 3.27 -19.70
C GLU A 76 3.27 1.92 -18.99
N ALA A 77 2.33 1.43 -18.17
CA ALA A 77 2.47 0.15 -17.43
C ALA A 77 2.48 -1.01 -18.42
N ALA A 78 1.58 -1.00 -19.40
CA ALA A 78 1.59 -1.97 -20.53
C ALA A 78 2.96 -1.95 -21.24
N LYS A 79 3.45 -0.76 -21.60
CA LYS A 79 4.78 -0.62 -22.28
C LYS A 79 5.84 -1.30 -21.42
N ALA A 80 5.87 -1.02 -20.11
CA ALA A 80 6.94 -1.52 -19.22
C ALA A 80 6.86 -3.05 -19.18
N VAL A 81 5.65 -3.60 -19.07
CA VAL A 81 5.43 -5.07 -18.98
C VAL A 81 5.87 -5.74 -20.29
N LEU A 82 5.50 -5.17 -21.44
CA LEU A 82 5.84 -5.71 -22.78
C LEU A 82 7.36 -5.88 -22.94
N ARG A 83 8.19 -5.15 -22.18
CA ARG A 83 9.66 -5.19 -22.30
C ARG A 83 10.23 -6.51 -21.80
N HIS A 84 9.45 -7.28 -21.03
CA HIS A 84 9.77 -8.68 -20.62
C HIS A 84 8.95 -9.73 -21.41
N SER A 85 8.25 -9.32 -22.46
CA SER A 85 7.39 -10.19 -23.30
C SER A 85 8.19 -10.69 -24.52
N ASP A 86 7.80 -11.84 -25.07
CA ASP A 86 8.29 -12.33 -26.38
C ASP A 86 7.35 -11.79 -27.43
N LEU A 87 7.79 -10.80 -28.21
CA LEU A 87 6.98 -10.23 -29.31
C LEU A 87 7.12 -11.11 -30.55
N VAL A 88 6.08 -11.14 -31.37
CA VAL A 88 6.01 -11.99 -32.60
C VAL A 88 6.46 -11.10 -33.76
N ASP A 89 7.45 -11.54 -34.53
CA ASP A 89 7.87 -10.80 -35.75
C ASP A 89 7.30 -11.50 -37.00
N LEU A 90 6.59 -10.72 -37.82
CA LEU A 90 5.95 -11.16 -39.08
C LEU A 90 6.49 -10.34 -40.25
N PRO A 91 6.26 -10.77 -41.51
CA PRO A 91 6.58 -9.98 -42.69
C PRO A 91 5.28 -9.38 -43.26
N LEU A 92 5.28 -8.08 -43.57
CA LEU A 92 4.06 -7.40 -44.10
C LEU A 92 4.03 -7.50 -45.63
N PRO A 104 -7.35 -9.31 -45.80
CA PRO A 104 -8.23 -9.56 -44.65
C PRO A 104 -7.95 -8.69 -43.41
N VAL A 105 -9.03 -8.18 -42.81
CA VAL A 105 -9.06 -7.49 -41.48
C VAL A 105 -8.64 -8.53 -40.41
N ILE A 106 -7.59 -8.22 -39.65
CA ILE A 106 -7.09 -9.06 -38.52
C ILE A 106 -7.63 -8.45 -37.21
N LEU A 107 -8.39 -9.23 -36.44
CA LEU A 107 -9.02 -8.69 -35.21
C LEU A 107 -8.59 -9.51 -34.01
N ASP A 108 -8.66 -8.85 -32.84
CA ASP A 108 -8.62 -9.47 -31.50
C ASP A 108 -9.94 -9.12 -30.81
N ILE A 109 -10.41 -10.00 -29.89
CA ILE A 109 -11.56 -9.71 -28.99
C ILE A 109 -11.24 -10.29 -27.60
N VAL A 110 -11.24 -9.41 -26.58
CA VAL A 110 -10.72 -9.70 -25.22
C VAL A 110 -11.23 -8.66 -24.23
N GLY A 111 -11.67 -9.12 -23.05
CA GLY A 111 -12.07 -8.27 -21.93
C GLY A 111 -10.96 -8.16 -20.89
N THR A 112 -11.04 -7.17 -20.01
CA THR A 112 -10.13 -6.96 -18.85
C THR A 112 -10.41 -8.00 -17.76
N GLY A 113 -11.54 -8.67 -17.82
CA GLY A 113 -12.09 -9.41 -16.68
C GLY A 113 -12.32 -8.48 -15.51
N GLY A 114 -12.50 -9.04 -14.31
CA GLY A 114 -12.71 -8.32 -13.04
C GLY A 114 -14.13 -7.79 -12.88
N ASP A 115 -15.13 -8.38 -13.55
CA ASP A 115 -16.54 -7.89 -13.46
C ASP A 115 -17.35 -8.72 -12.47
N GLY A 116 -16.73 -9.73 -11.85
CA GLY A 116 -17.40 -10.60 -10.85
C GLY A 116 -18.47 -11.47 -11.48
N GLN A 117 -18.47 -11.59 -12.82
CA GLN A 117 -19.44 -12.44 -13.56
C GLN A 117 -18.73 -13.73 -14.00
N ASN A 118 -19.47 -14.83 -13.93
CA ASN A 118 -19.09 -16.19 -14.38
C ASN A 118 -19.94 -16.56 -15.60
N THR A 119 -19.83 -15.73 -16.64
CA THR A 119 -20.55 -15.91 -17.90
C THR A 119 -19.79 -16.90 -18.79
N PHE A 120 -20.45 -17.34 -19.85
CA PHE A 120 -19.88 -18.25 -20.86
C PHE A 120 -18.69 -17.54 -21.53
N ASN A 121 -17.74 -18.30 -22.06
CA ASN A 121 -16.50 -17.78 -22.70
C ASN A 121 -16.86 -17.26 -24.11
N VAL A 122 -17.48 -16.09 -24.15
CA VAL A 122 -18.19 -15.56 -25.35
C VAL A 122 -17.17 -14.88 -26.29
N SER A 123 -16.11 -14.26 -25.75
CA SER A 123 -15.00 -13.65 -26.53
C SER A 123 -14.31 -14.74 -27.34
N THR A 124 -13.82 -15.79 -26.69
CA THR A 124 -13.18 -16.94 -27.39
C THR A 124 -14.14 -17.50 -28.45
N SER A 125 -15.41 -17.66 -28.09
CA SER A 125 -16.43 -18.31 -28.96
C SER A 125 -16.73 -17.42 -30.17
N ALA A 126 -16.89 -16.11 -29.94
CA ALA A 126 -17.16 -15.11 -31.01
C ALA A 126 -15.94 -14.97 -31.94
N ALA A 127 -14.72 -15.15 -31.41
CA ALA A 127 -13.47 -15.08 -32.19
C ALA A 127 -13.46 -16.23 -33.21
N ILE A 128 -13.86 -17.42 -32.78
CA ILE A 128 -13.88 -18.67 -33.62
C ILE A 128 -14.94 -18.52 -34.72
N VAL A 129 -16.13 -18.05 -34.38
CA VAL A 129 -17.24 -17.88 -35.37
C VAL A 129 -16.85 -16.77 -36.35
N ALA A 130 -16.35 -15.62 -35.87
CA ALA A 130 -15.85 -14.53 -36.74
C ALA A 130 -14.80 -15.10 -37.73
N SER A 131 -13.90 -15.96 -37.26
CA SER A 131 -12.76 -16.50 -38.04
C SER A 131 -13.23 -17.35 -39.25
N GLY A 132 -14.51 -17.72 -39.34
CA GLY A 132 -15.03 -18.51 -40.47
C GLY A 132 -15.74 -17.64 -41.50
N ILE A 133 -15.87 -16.34 -41.22
CA ILE A 133 -16.41 -15.35 -42.19
C ILE A 133 -15.28 -15.00 -43.17
N GLN A 134 -15.64 -14.87 -44.45
CA GLN A 134 -14.67 -14.59 -45.54
C GLN A 134 -14.15 -13.17 -45.38
N GLY A 135 -12.81 -13.01 -45.38
CA GLY A 135 -12.14 -11.71 -45.33
C GLY A 135 -11.74 -11.30 -43.92
N LEU A 136 -12.14 -12.07 -42.91
CA LEU A 136 -11.69 -11.87 -41.49
C LEU A 136 -10.60 -12.89 -41.18
N LYS A 137 -9.60 -12.46 -40.43
CA LYS A 137 -8.61 -13.33 -39.76
C LYS A 137 -8.69 -12.98 -38.28
N ILE A 138 -8.73 -13.98 -37.39
CA ILE A 138 -8.84 -13.70 -35.92
C ILE A 138 -7.59 -14.23 -35.23
N CYS A 139 -6.92 -13.31 -34.56
CA CYS A 139 -5.75 -13.60 -33.69
C CYS A 139 -6.12 -13.22 -32.24
N LYS A 140 -6.82 -14.13 -31.55
CA LYS A 140 -7.33 -13.90 -30.18
C LYS A 140 -6.16 -14.05 -29.20
N HIS A 141 -5.92 -13.02 -28.41
CA HIS A 141 -4.96 -13.08 -27.27
C HIS A 141 -5.75 -13.18 -25.96
N GLY A 142 -5.35 -14.05 -25.05
CA GLY A 142 -6.10 -14.22 -23.79
C GLY A 142 -5.39 -15.07 -22.77
N GLY A 143 -5.96 -15.14 -21.56
CA GLY A 143 -5.38 -15.84 -20.40
C GLY A 143 -6.36 -16.85 -19.84
N LYS A 144 -5.93 -17.62 -18.84
CA LYS A 144 -6.81 -18.48 -18.00
C LYS A 144 -7.50 -17.60 -16.96
N ALA A 145 -8.53 -18.12 -16.29
CA ALA A 145 -9.39 -17.33 -15.38
C ALA A 145 -8.67 -17.09 -14.05
N SER A 146 -8.84 -15.87 -13.53
CA SER A 146 -8.40 -15.43 -12.17
C SER A 146 -9.58 -15.57 -11.20
N THR A 147 -10.54 -14.63 -11.28
CA THR A 147 -11.76 -14.56 -10.42
C THR A 147 -12.86 -15.49 -10.98
N SER A 148 -12.99 -15.60 -12.31
CA SER A 148 -14.04 -16.39 -13.01
C SER A 148 -13.78 -17.91 -12.83
N ASN A 149 -14.83 -18.72 -13.05
CA ASN A 149 -14.80 -20.20 -12.97
C ASN A 149 -14.19 -20.78 -14.24
N SER A 150 -14.37 -20.10 -15.39
CA SER A 150 -13.84 -20.52 -16.71
C SER A 150 -13.23 -19.33 -17.45
N GLY A 151 -11.94 -19.45 -17.80
CA GLY A 151 -11.18 -18.50 -18.62
C GLY A 151 -11.07 -18.93 -20.07
N ALA A 152 -10.76 -17.97 -20.95
CA ALA A 152 -10.56 -18.16 -22.40
C ALA A 152 -9.50 -19.24 -22.65
N GLY A 153 -8.43 -19.22 -21.85
CA GLY A 153 -7.27 -20.15 -21.95
C GLY A 153 -7.60 -21.54 -21.45
N ASP A 154 -8.43 -21.62 -20.40
CA ASP A 154 -8.99 -22.90 -19.89
C ASP A 154 -9.84 -23.54 -21.00
N LEU A 155 -10.61 -22.75 -21.74
CA LEU A 155 -11.53 -23.27 -22.80
C LEU A 155 -10.72 -23.82 -23.97
N ILE A 156 -9.66 -23.12 -24.37
CA ILE A 156 -8.92 -23.49 -25.61
C ILE A 156 -8.18 -24.80 -25.37
N GLY A 157 -7.77 -25.08 -24.12
CA GLY A 157 -7.11 -26.34 -23.73
C GLY A 157 -8.07 -27.52 -23.74
N THR A 158 -9.26 -27.36 -23.18
CA THR A 158 -10.32 -28.41 -23.13
C THR A 158 -10.91 -28.61 -24.52
N LEU A 159 -10.75 -27.62 -25.41
CA LEU A 159 -11.14 -27.67 -26.86
C LEU A 159 -10.20 -28.63 -27.64
N GLY A 160 -9.08 -29.06 -27.05
CA GLY A 160 -8.24 -30.17 -27.55
C GLY A 160 -6.89 -29.70 -28.07
N CYS A 161 -6.46 -28.50 -27.68
CA CYS A 161 -5.26 -27.81 -28.21
C CYS A 161 -4.17 -27.73 -27.11
N ASP A 162 -2.90 -28.04 -27.43
CA ASP A 162 -1.74 -27.92 -26.50
C ASP A 162 -1.09 -26.54 -26.67
N MET A 163 -1.54 -25.56 -25.88
CA MET A 163 -1.24 -24.11 -26.05
C MET A 163 0.24 -23.79 -25.76
N PHE A 164 0.93 -24.62 -25.00
CA PHE A 164 2.39 -24.42 -24.69
C PHE A 164 3.23 -24.57 -25.98
N LYS A 165 2.69 -25.20 -27.02
CA LYS A 165 3.39 -25.33 -28.33
C LYS A 165 3.31 -24.00 -29.10
N VAL A 166 2.41 -23.09 -28.72
CA VAL A 166 2.20 -21.77 -29.38
C VAL A 166 3.02 -20.70 -28.66
N ASN A 167 4.10 -20.22 -29.30
CA ASN A 167 5.00 -19.17 -28.73
C ASN A 167 5.42 -18.20 -29.83
N SER A 168 6.28 -17.24 -29.50
CA SER A 168 6.73 -16.17 -30.43
C SER A 168 7.44 -16.77 -31.64
N SER A 169 8.13 -17.90 -31.45
CA SER A 169 8.89 -18.62 -32.50
C SER A 169 7.93 -19.45 -33.37
N THR A 170 6.78 -19.92 -32.85
CA THR A 170 5.86 -20.80 -33.60
C THR A 170 4.69 -20.02 -34.24
N VAL A 171 4.37 -18.80 -33.81
CA VAL A 171 3.22 -18.05 -34.41
C VAL A 171 3.47 -17.68 -35.88
N PRO A 172 4.70 -17.34 -36.32
CA PRO A 172 4.94 -17.07 -37.73
C PRO A 172 4.71 -18.31 -38.64
N LYS A 173 4.91 -19.53 -38.13
CA LYS A 173 4.61 -20.78 -38.88
C LYS A 173 3.09 -20.95 -39.06
N LEU A 174 2.30 -20.67 -38.01
CA LEU A 174 0.83 -20.83 -37.99
C LEU A 174 0.17 -19.68 -38.77
N TRP A 175 0.82 -18.53 -38.84
CA TRP A 175 0.19 -17.28 -39.34
C TRP A 175 -0.42 -17.49 -40.72
N PRO A 176 0.33 -18.04 -41.73
CA PRO A 176 -0.13 -18.04 -43.12
C PRO A 176 -1.46 -18.75 -43.41
N ASP A 177 -1.64 -19.98 -42.91
CA ASP A 177 -2.76 -20.89 -43.26
C ASP A 177 -3.68 -21.11 -42.04
N ASN A 178 -3.97 -20.06 -41.27
CA ASN A 178 -4.97 -20.06 -40.16
C ASN A 178 -5.77 -18.76 -40.21
N THR A 179 -7.09 -18.88 -40.29
CA THR A 179 -8.07 -17.79 -40.13
C THR A 179 -8.38 -17.55 -38.64
N PHE A 180 -8.07 -18.54 -37.79
CA PHE A 180 -8.20 -18.43 -36.31
C PHE A 180 -6.87 -18.84 -35.66
N MET A 181 -6.46 -18.02 -34.70
CA MET A 181 -5.31 -18.29 -33.81
C MET A 181 -5.71 -17.88 -32.38
N PHE A 182 -5.22 -18.61 -31.39
CA PHE A 182 -5.34 -18.24 -29.95
C PHE A 182 -3.92 -18.18 -29.37
N LEU A 183 -3.57 -17.06 -28.73
CA LEU A 183 -2.25 -16.87 -28.07
C LEU A 183 -2.49 -16.82 -26.56
N LEU A 184 -1.94 -17.79 -25.84
CA LEU A 184 -2.11 -17.88 -24.37
C LEU A 184 -1.06 -16.97 -23.73
N ALA A 185 -1.54 -15.91 -23.06
CA ALA A 185 -0.74 -14.80 -22.49
C ALA A 185 0.53 -15.32 -21.80
N PRO A 186 0.48 -16.27 -20.85
CA PRO A 186 1.66 -16.60 -20.05
C PRO A 186 2.82 -17.24 -20.82
N PHE A 187 2.62 -17.62 -22.09
CA PHE A 187 3.71 -18.19 -22.94
C PHE A 187 4.44 -17.07 -23.69
N PHE A 188 3.96 -15.83 -23.57
CA PHE A 188 4.58 -14.61 -24.15
C PHE A 188 5.10 -13.69 -23.04
N HIS A 189 4.32 -13.44 -22.00
CA HIS A 189 4.52 -12.33 -21.03
C HIS A 189 5.21 -12.82 -19.76
N HIS A 190 6.53 -13.01 -19.82
CA HIS A 190 7.35 -13.54 -18.70
C HIS A 190 7.30 -12.57 -17.53
N GLY A 191 7.09 -11.27 -17.80
CA GLY A 191 6.93 -10.21 -16.79
C GLY A 191 5.68 -10.38 -15.95
N MET A 192 4.54 -10.68 -16.58
CA MET A 192 3.29 -11.00 -15.82
C MET A 192 3.53 -12.25 -14.96
N GLY A 193 4.38 -13.16 -15.42
CA GLY A 193 4.73 -14.37 -14.63
C GLY A 193 5.54 -14.03 -13.40
N HIS A 194 6.46 -13.07 -13.48
CA HIS A 194 7.30 -12.65 -12.32
C HIS A 194 6.42 -12.08 -11.20
N VAL A 195 5.32 -11.37 -11.52
CA VAL A 195 4.46 -10.71 -10.48
C VAL A 195 3.27 -11.63 -10.12
N SER A 196 3.21 -12.83 -10.69
CA SER A 196 2.07 -13.76 -10.50
C SER A 196 1.87 -14.08 -9.00
N LYS A 197 2.93 -14.51 -8.32
CA LYS A 197 2.91 -14.84 -6.87
C LYS A 197 2.45 -13.62 -6.07
N ILE A 198 3.05 -12.45 -6.27
CA ILE A 198 2.76 -11.31 -5.36
C ILE A 198 1.32 -10.84 -5.59
N ARG A 199 0.79 -11.00 -6.80
CA ARG A 199 -0.62 -10.63 -7.11
C ARG A 199 -1.57 -11.54 -6.32
N LYS A 200 -1.28 -12.84 -6.22
CA LYS A 200 -2.05 -13.78 -5.38
C LYS A 200 -2.00 -13.30 -3.92
N PHE A 201 -0.81 -13.07 -3.39
CA PHE A 201 -0.60 -12.67 -1.98
C PHE A 201 -1.33 -11.36 -1.67
N LEU A 202 -1.38 -10.43 -2.61
CA LEU A 202 -1.99 -9.09 -2.36
C LEU A 202 -3.51 -9.20 -2.17
N GLY A 203 -4.14 -10.05 -2.98
CA GLY A 203 -5.58 -10.34 -2.89
C GLY A 203 -6.43 -9.12 -3.19
N ILE A 204 -5.83 -8.10 -3.79
CA ILE A 204 -6.54 -6.84 -4.14
C ILE A 204 -6.23 -6.59 -5.60
N PRO A 205 -7.11 -5.89 -6.34
CA PRO A 205 -6.79 -5.45 -7.69
C PRO A 205 -5.60 -4.47 -7.69
N THR A 206 -4.79 -4.53 -8.74
CA THR A 206 -3.65 -3.61 -9.00
C THR A 206 -3.69 -3.24 -10.48
N VAL A 207 -2.78 -2.37 -10.91
CA VAL A 207 -2.62 -1.98 -12.34
C VAL A 207 -2.54 -3.22 -13.26
N PHE A 208 -2.00 -4.34 -12.78
CA PHE A 208 -1.83 -5.60 -13.58
C PHE A 208 -3.21 -6.15 -14.03
N ASN A 209 -4.28 -5.86 -13.30
CA ASN A 209 -5.63 -6.45 -13.56
C ASN A 209 -6.25 -5.92 -14.86
N VAL A 210 -5.73 -4.84 -15.43
CA VAL A 210 -6.33 -4.22 -16.65
C VAL A 210 -5.32 -4.22 -17.81
N LEU A 211 -4.18 -4.89 -17.68
CA LEU A 211 -3.10 -4.75 -18.72
C LEU A 211 -3.31 -5.79 -19.82
N GLY A 212 -3.95 -6.92 -19.52
CA GLY A 212 -4.03 -8.09 -20.44
C GLY A 212 -4.38 -7.69 -21.87
N PRO A 213 -5.53 -7.03 -22.09
CA PRO A 213 -5.95 -6.64 -23.44
C PRO A 213 -4.98 -5.79 -24.27
N LEU A 214 -3.95 -5.23 -23.63
CA LEU A 214 -3.01 -4.24 -24.23
C LEU A 214 -1.63 -4.87 -24.41
N LEU A 215 -1.50 -6.17 -24.18
CA LEU A 215 -0.23 -6.94 -24.30
C LEU A 215 -0.25 -7.83 -25.54
N HIS A 216 -1.07 -7.51 -26.56
CA HIS A 216 -1.11 -8.31 -27.81
C HIS A 216 0.29 -8.30 -28.41
N PRO A 217 0.95 -9.48 -28.52
CA PRO A 217 2.34 -9.56 -28.99
C PRO A 217 2.51 -9.58 -30.54
N VAL A 218 1.40 -9.49 -31.27
CA VAL A 218 1.40 -9.42 -32.75
C VAL A 218 0.99 -8.00 -33.14
N SER A 219 1.89 -7.25 -33.78
CA SER A 219 1.63 -5.82 -34.12
C SER A 219 0.62 -5.69 -35.28
N HIS A 220 0.44 -6.75 -36.08
CA HIS A 220 -0.39 -6.73 -37.33
C HIS A 220 -1.89 -6.74 -37.05
N VAL A 221 -2.34 -6.87 -35.80
CA VAL A 221 -3.80 -6.75 -35.52
C VAL A 221 -4.21 -5.32 -35.88
N ASN A 222 -5.27 -5.20 -36.67
CA ASN A 222 -5.80 -3.93 -37.25
C ASN A 222 -6.92 -3.38 -36.37
N LYS A 223 -7.78 -4.25 -35.84
CA LYS A 223 -8.97 -3.83 -35.08
C LYS A 223 -9.19 -4.78 -33.90
N ARG A 224 -9.92 -4.33 -32.88
CA ARG A 224 -10.16 -5.14 -31.67
C ARG A 224 -11.36 -4.60 -30.89
N ILE A 225 -12.05 -5.51 -30.23
CA ILE A 225 -13.12 -5.22 -29.23
C ILE A 225 -12.49 -5.54 -27.88
N LEU A 226 -12.33 -4.52 -27.04
CA LEU A 226 -11.78 -4.63 -25.67
C LEU A 226 -12.93 -4.41 -24.67
N GLY A 227 -13.22 -5.43 -23.87
CA GLY A 227 -14.25 -5.36 -22.82
C GLY A 227 -13.65 -4.84 -21.53
N VAL A 228 -14.36 -3.94 -20.85
CA VAL A 228 -13.95 -3.37 -19.54
C VAL A 228 -15.05 -3.66 -18.51
N TYR A 229 -14.66 -3.72 -17.24
CA TYR A 229 -15.57 -4.11 -16.12
C TYR A 229 -16.36 -2.92 -15.59
N SER A 230 -15.89 -1.67 -15.74
CA SER A 230 -16.62 -0.47 -15.25
C SER A 230 -16.76 0.60 -16.32
N LYS A 231 -17.83 1.39 -16.22
CA LYS A 231 -18.13 2.61 -17.02
C LYS A 231 -17.08 3.69 -16.77
N GLU A 232 -16.71 3.91 -15.51
CA GLU A 232 -15.65 4.86 -15.07
C GLU A 232 -14.37 4.56 -15.87
N LEU A 233 -13.94 3.30 -15.95
CA LEU A 233 -12.67 2.90 -16.61
C LEU A 233 -12.74 3.06 -18.13
N ALA A 234 -13.89 2.80 -18.74
CA ALA A 234 -14.04 2.66 -20.20
C ALA A 234 -13.39 3.84 -20.94
N PRO A 235 -13.74 5.11 -20.64
CA PRO A 235 -13.18 6.24 -21.39
C PRO A 235 -11.65 6.32 -21.31
N GLU A 236 -11.10 6.08 -20.12
CA GLU A 236 -9.63 6.05 -19.90
C GLU A 236 -9.01 4.86 -20.66
N TYR A 237 -9.70 3.72 -20.70
CA TYR A 237 -9.22 2.52 -21.42
C TYR A 237 -9.25 2.80 -22.94
N ALA A 238 -10.30 3.46 -23.43
CA ALA A 238 -10.38 3.96 -24.83
C ALA A 238 -9.10 4.76 -25.15
N LYS A 239 -8.75 5.73 -24.30
CA LYS A 239 -7.56 6.57 -24.56
C LYS A 239 -6.30 5.71 -24.47
N ALA A 240 -6.23 4.80 -23.50
CA ALA A 240 -5.06 3.90 -23.33
C ALA A 240 -4.82 3.08 -24.61
N ALA A 241 -5.89 2.51 -25.18
CA ALA A 241 -5.77 1.62 -26.36
C ALA A 241 -5.26 2.43 -27.56
N ALA A 242 -5.74 3.66 -27.74
CA ALA A 242 -5.19 4.62 -28.75
C ALA A 242 -3.66 4.71 -28.63
N LEU A 243 -3.14 4.82 -27.40
CA LEU A 243 -1.69 5.03 -27.13
C LEU A 243 -0.90 3.75 -27.36
N VAL A 244 -1.45 2.59 -26.96
CA VAL A 244 -0.74 1.27 -27.06
C VAL A 244 -0.92 0.70 -28.47
N TYR A 245 -2.07 0.94 -29.11
CA TYR A 245 -2.41 0.45 -30.48
C TYR A 245 -2.73 1.64 -31.38
N PRO A 246 -1.74 2.50 -31.73
CA PRO A 246 -2.01 3.70 -32.52
C PRO A 246 -2.45 3.28 -33.94
N GLY A 247 -3.50 3.92 -34.47
CA GLY A 247 -4.02 3.59 -35.80
C GLY A 247 -4.54 2.16 -35.88
N SER A 248 -5.03 1.63 -34.77
CA SER A 248 -5.90 0.42 -34.71
C SER A 248 -7.33 0.90 -34.44
N GLU A 249 -8.29 0.57 -35.30
CA GLU A 249 -9.72 0.89 -35.05
C GLU A 249 -10.25 -0.06 -33.97
N THR A 250 -10.81 0.45 -32.87
CA THR A 250 -11.11 -0.37 -31.67
C THR A 250 -12.43 0.05 -31.00
N PHE A 251 -13.17 -0.94 -30.51
CA PHE A 251 -14.36 -0.75 -29.63
C PHE A 251 -13.97 -1.02 -28.18
N ILE A 252 -14.40 -0.15 -27.28
CA ILE A 252 -14.40 -0.44 -25.82
C ILE A 252 -15.86 -0.73 -25.46
N VAL A 253 -16.17 -1.91 -24.94
CA VAL A 253 -17.58 -2.26 -24.61
C VAL A 253 -17.73 -2.40 -23.09
N TRP A 254 -18.88 -1.96 -22.58
CA TRP A 254 -19.28 -2.11 -21.17
C TRP A 254 -20.77 -2.38 -21.13
N GLY A 255 -21.15 -3.58 -20.69
CA GLY A 255 -22.52 -3.99 -20.41
C GLY A 255 -23.02 -3.34 -19.14
N HIS A 256 -24.19 -2.73 -19.20
CA HIS A 256 -24.75 -1.87 -18.14
C HIS A 256 -24.97 -2.71 -16.88
N VAL A 257 -25.25 -4.01 -17.04
CA VAL A 257 -25.34 -4.98 -15.91
C VAL A 257 -23.98 -5.12 -15.21
N GLY A 258 -22.89 -4.62 -15.78
CA GLY A 258 -21.54 -4.78 -15.23
C GLY A 258 -20.89 -6.01 -15.84
N LEU A 259 -20.50 -5.91 -17.10
CA LEU A 259 -20.05 -7.03 -17.97
C LEU A 259 -19.03 -6.48 -18.96
N ASP A 260 -17.87 -7.12 -19.06
CA ASP A 260 -16.78 -6.76 -20.00
C ASP A 260 -17.03 -7.40 -21.38
N GLU A 261 -18.28 -7.36 -21.82
CA GLU A 261 -18.74 -7.99 -23.08
C GLU A 261 -20.01 -7.28 -23.53
N VAL A 262 -20.46 -7.53 -24.75
CA VAL A 262 -21.80 -7.05 -25.15
C VAL A 262 -22.82 -7.93 -24.40
N SER A 263 -23.62 -7.31 -23.53
CA SER A 263 -24.58 -7.99 -22.62
C SER A 263 -25.78 -8.51 -23.38
N PRO A 264 -26.22 -9.76 -23.06
CA PRO A 264 -27.40 -10.35 -23.65
C PRO A 264 -28.68 -9.87 -22.95
N ILE A 265 -28.55 -9.15 -21.84
CA ILE A 265 -29.68 -8.47 -21.14
C ILE A 265 -29.32 -6.99 -20.95
N GLY A 266 -30.34 -6.11 -21.03
CA GLY A 266 -30.21 -4.64 -20.93
C GLY A 266 -29.31 -4.08 -22.03
N LYS A 267 -28.66 -2.95 -21.77
CA LYS A 267 -27.90 -2.21 -22.81
C LYS A 267 -26.39 -2.35 -22.59
N THR A 268 -25.63 -1.99 -23.62
CA THR A 268 -24.15 -1.94 -23.65
C THR A 268 -23.74 -0.60 -24.27
N THR A 269 -22.83 0.13 -23.65
CA THR A 269 -22.21 1.34 -24.25
C THR A 269 -20.94 0.89 -24.99
N VAL A 270 -20.65 1.52 -26.12
CA VAL A 270 -19.44 1.25 -26.94
C VAL A 270 -18.69 2.57 -27.12
N TRP A 271 -17.41 2.60 -26.76
CA TRP A 271 -16.52 3.76 -27.01
C TRP A 271 -15.76 3.44 -28.30
N HIS A 272 -16.04 4.18 -29.37
CA HIS A 272 -15.46 4.00 -30.73
C HIS A 272 -14.21 4.88 -30.89
N ILE A 273 -13.06 4.25 -31.08
CA ILE A 273 -11.75 4.91 -31.33
C ILE A 273 -11.10 4.22 -32.54
N LEU A 282 -14.00 11.24 -28.45
CA LEU A 282 -14.30 9.78 -28.41
C LEU A 282 -15.78 9.59 -28.74
N LYS A 283 -16.09 8.83 -29.81
CA LYS A 283 -17.47 8.53 -30.25
C LYS A 283 -18.11 7.50 -29.30
N THR A 284 -19.41 7.63 -29.05
CA THR A 284 -20.20 6.76 -28.14
C THR A 284 -21.50 6.36 -28.84
N PHE A 285 -21.94 5.11 -28.70
CA PHE A 285 -23.30 4.65 -29.08
C PHE A 285 -23.72 3.46 -28.19
N GLN A 286 -25.01 3.18 -28.14
CA GLN A 286 -25.59 2.12 -27.26
C GLN A 286 -26.07 0.94 -28.11
N LEU A 287 -26.00 -0.27 -27.54
CA LEU A 287 -26.47 -1.53 -28.17
C LEU A 287 -27.47 -2.21 -27.24
N GLU A 288 -28.37 -2.96 -27.86
CA GLU A 288 -29.47 -3.75 -27.23
C GLU A 288 -29.66 -4.99 -28.09
N PRO A 289 -29.92 -6.19 -27.51
CA PRO A 289 -30.13 -7.39 -28.32
C PRO A 289 -31.16 -7.24 -29.45
N SER A 290 -32.23 -6.46 -29.23
CA SER A 290 -33.31 -6.20 -30.23
C SER A 290 -32.73 -5.57 -31.50
N MET A 291 -31.66 -4.78 -31.39
CA MET A 291 -30.96 -4.20 -32.58
C MET A 291 -30.37 -5.33 -33.44
N PHE A 292 -30.17 -6.51 -32.85
CA PHE A 292 -29.67 -7.73 -33.52
C PHE A 292 -30.82 -8.69 -33.84
N GLY A 293 -32.05 -8.30 -33.49
CA GLY A 293 -33.28 -9.09 -33.70
C GLY A 293 -33.31 -10.31 -32.79
N LEU A 294 -32.72 -10.22 -31.60
CA LEU A 294 -32.66 -11.33 -30.62
C LEU A 294 -33.47 -10.95 -29.39
N GLU A 295 -34.00 -11.94 -28.67
CA GLU A 295 -34.63 -11.74 -27.34
C GLU A 295 -33.54 -11.49 -26.30
N GLU A 296 -33.89 -10.77 -25.24
CA GLU A 296 -32.97 -10.59 -24.08
C GLU A 296 -32.86 -11.92 -23.32
N HIS A 297 -31.74 -12.15 -22.64
CA HIS A 297 -31.54 -13.33 -21.78
C HIS A 297 -30.77 -12.93 -20.52
N GLU A 298 -31.30 -13.33 -19.35
CA GLU A 298 -30.64 -13.21 -18.03
C GLU A 298 -29.26 -13.86 -18.09
N LEU A 299 -28.32 -13.33 -17.30
CA LEU A 299 -26.90 -13.79 -17.27
C LEU A 299 -26.85 -15.21 -16.69
N SER A 300 -27.86 -15.55 -15.89
CA SER A 300 -28.00 -16.86 -15.20
C SER A 300 -28.38 -17.96 -16.21
N LYS A 301 -28.85 -17.56 -17.40
CA LYS A 301 -29.06 -18.48 -18.55
C LYS A 301 -27.85 -18.51 -19.49
N CYS A 302 -26.85 -17.66 -19.24
CA CYS A 302 -25.64 -17.48 -20.11
C CYS A 302 -24.39 -17.79 -19.29
N ALA A 303 -24.57 -18.64 -18.28
CA ALA A 303 -23.56 -18.91 -17.24
C ALA A 303 -22.48 -19.78 -17.86
N SER A 304 -21.28 -19.73 -17.29
CA SER A 304 -20.22 -20.74 -17.48
C SER A 304 -20.66 -22.08 -16.83
N TYR A 305 -20.45 -23.21 -17.52
CA TYR A 305 -20.70 -24.58 -17.00
C TYR A 305 -19.36 -25.25 -16.71
N GLY A 306 -18.30 -24.46 -16.47
CA GLY A 306 -16.92 -24.94 -16.31
C GLY A 306 -16.25 -25.16 -17.67
N PRO A 307 -14.90 -25.15 -17.76
CA PRO A 307 -14.22 -25.18 -19.07
C PRO A 307 -14.54 -26.41 -19.94
N LYS A 308 -14.64 -27.59 -19.32
CA LYS A 308 -14.80 -28.88 -20.04
C LYS A 308 -16.18 -28.92 -20.71
N GLU A 309 -17.23 -28.58 -19.95
CA GLU A 309 -18.63 -28.54 -20.43
C GLU A 309 -18.80 -27.36 -21.40
N ASN A 310 -18.05 -26.27 -21.18
CA ASN A 310 -18.07 -25.08 -22.08
C ASN A 310 -17.57 -25.50 -23.47
N ALA A 311 -16.52 -26.32 -23.53
CA ALA A 311 -15.91 -26.84 -24.78
C ALA A 311 -17.00 -27.58 -25.53
N ARG A 312 -17.74 -28.40 -24.78
CA ARG A 312 -18.81 -29.26 -25.34
C ARG A 312 -19.98 -28.37 -25.79
N ILE A 313 -20.37 -27.36 -25.02
CA ILE A 313 -21.46 -26.43 -25.47
C ILE A 313 -20.99 -25.74 -26.77
N LEU A 314 -19.78 -25.20 -26.80
CA LEU A 314 -19.31 -24.44 -27.99
C LEU A 314 -19.26 -25.39 -29.20
N LYS A 315 -18.57 -26.51 -29.05
CA LYS A 315 -18.31 -27.48 -30.16
C LYS A 315 -19.61 -28.17 -30.62
N GLU A 316 -20.48 -28.60 -29.71
CA GLU A 316 -21.62 -29.51 -30.03
C GLU A 316 -22.92 -28.72 -30.26
N GLU A 317 -23.21 -27.70 -29.47
CA GLU A 317 -24.48 -26.92 -29.58
C GLU A 317 -24.30 -25.78 -30.60
N VAL A 318 -23.16 -25.10 -30.60
CA VAL A 318 -22.98 -23.85 -31.40
C VAL A 318 -22.30 -24.20 -32.72
N LEU A 319 -21.05 -24.67 -32.65
CA LEU A 319 -20.19 -24.92 -33.84
C LEU A 319 -20.79 -26.02 -34.72
N SER A 320 -21.51 -26.99 -34.16
CA SER A 320 -22.14 -28.10 -34.93
C SER A 320 -23.45 -27.63 -35.58
N GLY A 321 -23.99 -26.48 -35.16
CA GLY A 321 -25.22 -25.92 -35.76
C GLY A 321 -26.46 -26.67 -35.27
N LYS A 322 -26.40 -27.26 -34.08
CA LYS A 322 -27.56 -27.88 -33.39
C LYS A 322 -28.66 -26.84 -33.22
N TYR A 323 -28.30 -25.61 -32.87
CA TYR A 323 -29.27 -24.50 -32.69
C TYR A 323 -29.07 -23.51 -33.84
N HIS A 324 -30.12 -22.75 -34.13
CA HIS A 324 -30.19 -21.75 -35.24
C HIS A 324 -30.66 -20.42 -34.67
N LEU A 325 -30.34 -19.33 -35.37
CA LEU A 325 -30.99 -18.01 -35.14
C LEU A 325 -32.52 -18.20 -35.14
N GLY A 326 -33.22 -17.66 -34.14
CA GLY A 326 -34.68 -17.82 -33.99
C GLY A 326 -35.03 -18.85 -32.93
N ASP A 327 -34.10 -19.72 -32.55
CA ASP A 327 -34.35 -20.74 -31.49
C ASP A 327 -34.39 -20.09 -30.11
N ASN A 328 -33.93 -18.84 -29.98
CA ASN A 328 -33.89 -18.11 -28.69
C ASN A 328 -33.04 -18.90 -27.68
N ASN A 329 -32.06 -19.68 -28.16
CA ASN A 329 -31.07 -20.37 -27.27
C ASN A 329 -30.11 -19.31 -26.71
N PRO A 330 -30.06 -19.09 -25.38
CA PRO A 330 -29.35 -17.92 -24.82
C PRO A 330 -27.86 -17.80 -25.19
N ILE A 331 -27.07 -18.85 -24.89
CA ILE A 331 -25.61 -18.87 -25.14
C ILE A 331 -25.34 -18.70 -26.65
N TYR A 332 -26.13 -19.35 -27.50
CA TYR A 332 -26.00 -19.25 -28.97
C TYR A 332 -26.23 -17.79 -29.37
N ASP A 333 -27.33 -17.21 -28.89
CA ASP A 333 -27.72 -15.81 -29.18
C ASP A 333 -26.56 -14.90 -28.74
N TYR A 334 -26.08 -15.11 -27.52
CA TYR A 334 -25.00 -14.34 -26.85
C TYR A 334 -23.73 -14.35 -27.73
N ILE A 335 -23.32 -15.53 -28.22
CA ILE A 335 -22.13 -15.70 -29.10
C ILE A 335 -22.38 -15.00 -30.46
N LEU A 336 -23.60 -15.11 -30.98
CA LEU A 336 -24.01 -14.57 -32.31
C LEU A 336 -23.92 -13.03 -32.29
N MET A 337 -24.47 -12.39 -31.26
CA MET A 337 -24.51 -10.91 -31.11
C MET A 337 -23.09 -10.35 -31.07
N ASN A 338 -22.26 -10.92 -30.19
CA ASN A 338 -20.83 -10.54 -29.99
C ASN A 338 -20.04 -10.83 -31.28
N THR A 339 -20.44 -11.83 -32.07
CA THR A 339 -19.80 -12.09 -33.39
C THR A 339 -20.19 -10.97 -34.36
N ALA A 340 -21.48 -10.64 -34.41
CA ALA A 340 -22.09 -9.58 -35.26
C ALA A 340 -21.31 -8.28 -35.06
N VAL A 341 -21.01 -7.92 -33.81
CA VAL A 341 -20.30 -6.64 -33.48
C VAL A 341 -18.86 -6.68 -34.02
N LEU A 342 -18.20 -7.83 -33.93
CA LEU A 342 -16.83 -8.03 -34.48
C LEU A 342 -16.84 -7.89 -36.01
N TYR A 343 -17.84 -8.47 -36.68
CA TYR A 343 -18.04 -8.34 -38.15
C TYR A 343 -18.24 -6.85 -38.49
N CYS A 344 -19.28 -6.25 -37.93
CA CYS A 344 -19.64 -4.83 -38.20
C CYS A 344 -18.36 -3.97 -38.08
N LEU A 345 -17.61 -4.14 -36.98
CA LEU A 345 -16.35 -3.39 -36.75
C LEU A 345 -15.41 -3.60 -37.95
N SER A 346 -15.27 -4.84 -38.41
CA SER A 346 -14.33 -5.21 -39.51
C SER A 346 -14.73 -4.55 -40.82
N GLN A 347 -16.03 -4.33 -41.06
CA GLN A 347 -16.55 -3.83 -42.37
C GLN A 347 -16.72 -2.31 -42.33
N GLY A 348 -16.66 -1.71 -41.14
CA GLY A 348 -16.74 -0.25 -40.97
C GLY A 348 -18.17 0.27 -41.01
N HIS A 349 -19.17 -0.56 -40.68
CA HIS A 349 -20.61 -0.15 -40.61
C HIS A 349 -21.22 -0.61 -39.28
N GLN A 350 -22.47 -0.24 -39.02
CA GLN A 350 -23.23 -0.66 -37.81
C GLN A 350 -24.51 -1.41 -38.24
N ASN A 351 -24.43 -2.19 -39.31
CA ASN A 351 -25.55 -3.05 -39.77
C ASN A 351 -25.52 -4.34 -38.94
N TRP A 352 -26.17 -4.30 -37.78
CA TRP A 352 -26.07 -5.37 -36.76
C TRP A 352 -26.74 -6.65 -37.29
N LYS A 353 -27.93 -6.54 -37.89
CA LYS A 353 -28.69 -7.72 -38.42
C LYS A 353 -27.90 -8.37 -39.57
N GLU A 354 -27.02 -7.61 -40.22
CA GLU A 354 -26.12 -8.16 -41.29
C GLU A 354 -25.00 -8.98 -40.62
N GLY A 355 -24.34 -8.41 -39.60
CA GLY A 355 -23.37 -9.15 -38.77
C GLY A 355 -23.95 -10.48 -38.31
N ILE A 356 -25.18 -10.47 -37.78
CA ILE A 356 -25.94 -11.69 -37.33
C ILE A 356 -25.99 -12.70 -38.47
N ILE A 357 -26.53 -12.28 -39.64
CA ILE A 357 -26.64 -13.13 -40.86
C ILE A 357 -25.27 -13.73 -41.20
N LYS A 358 -24.20 -12.92 -41.12
CA LYS A 358 -22.82 -13.36 -41.47
C LYS A 358 -22.30 -14.36 -40.43
N ALA A 359 -22.62 -14.13 -39.15
CA ALA A 359 -22.24 -15.03 -38.03
C ALA A 359 -22.96 -16.37 -38.18
N GLU A 360 -24.28 -16.32 -38.41
CA GLU A 360 -25.16 -17.50 -38.62
C GLU A 360 -24.64 -18.36 -39.79
N GLU A 361 -24.24 -17.73 -40.90
CA GLU A 361 -23.69 -18.44 -42.08
C GLU A 361 -22.36 -19.10 -41.72
N SER A 362 -21.53 -18.48 -40.86
CA SER A 362 -20.19 -19.03 -40.50
C SER A 362 -20.38 -20.34 -39.72
N ILE A 363 -21.37 -20.39 -38.83
CA ILE A 363 -21.71 -21.62 -38.07
C ILE A 363 -22.26 -22.69 -39.04
N HIS A 364 -23.39 -22.39 -39.69
CA HIS A 364 -24.23 -23.40 -40.40
C HIS A 364 -23.55 -23.86 -41.69
N SER A 365 -22.54 -23.15 -42.20
CA SER A 365 -21.76 -23.53 -43.41
C SER A 365 -20.67 -24.55 -43.04
N GLY A 366 -20.39 -24.68 -41.73
CA GLY A 366 -19.29 -25.52 -41.23
C GLY A 366 -17.97 -24.76 -41.21
N ASN A 367 -17.96 -23.49 -41.64
CA ASN A 367 -16.71 -22.68 -41.77
C ASN A 367 -16.14 -22.39 -40.36
N ALA A 368 -16.99 -21.98 -39.43
CA ALA A 368 -16.56 -21.69 -38.04
C ALA A 368 -15.81 -22.91 -37.49
N LEU A 369 -16.37 -24.13 -37.58
CA LEU A 369 -15.77 -25.34 -36.95
C LEU A 369 -14.49 -25.75 -37.69
N ARG A 370 -14.43 -25.50 -39.02
CA ARG A 370 -13.24 -25.92 -39.80
C ARG A 370 -12.08 -24.99 -39.44
N SER A 371 -12.36 -23.70 -39.32
CA SER A 371 -11.35 -22.68 -38.91
C SER A 371 -10.67 -23.13 -37.60
N LEU A 372 -11.44 -23.57 -36.61
CA LEU A 372 -10.94 -23.97 -35.27
C LEU A 372 -10.15 -25.27 -35.37
N GLU A 373 -10.67 -26.23 -36.13
CA GLU A 373 -10.08 -27.57 -36.35
C GLU A 373 -8.73 -27.43 -37.07
N HIS A 374 -8.63 -26.55 -38.06
CA HIS A 374 -7.37 -26.23 -38.80
C HIS A 374 -6.35 -25.67 -37.81
N PHE A 375 -6.78 -24.85 -36.85
CA PHE A 375 -5.87 -24.30 -35.80
C PHE A 375 -5.41 -25.44 -34.90
N ILE A 376 -6.32 -26.30 -34.42
CA ILE A 376 -5.96 -27.40 -33.47
C ILE A 376 -4.98 -28.35 -34.17
N ASP A 377 -5.22 -28.63 -35.45
CA ASP A 377 -4.36 -29.51 -36.29
C ASP A 377 -3.00 -28.84 -36.50
N SER A 378 -2.96 -27.58 -36.94
CA SER A 378 -1.70 -26.83 -37.20
C SER A 378 -0.84 -26.82 -35.93
N VAL A 379 -1.45 -26.67 -34.75
CA VAL A 379 -0.73 -26.69 -33.43
C VAL A 379 -0.28 -28.12 -33.15
N SER A 380 -1.11 -29.11 -33.49
CA SER A 380 -0.79 -30.55 -33.28
C SER A 380 0.52 -30.94 -33.98
N SER A 381 0.76 -30.41 -35.18
CA SER A 381 1.96 -30.71 -36.03
C SER A 381 3.15 -29.78 -35.69
N LEU A 382 3.36 -29.43 -34.42
CA LEU A 382 4.58 -28.65 -34.00
C LEU A 382 5.37 -29.50 -33.00
N HIS B 1 -10.44 -19.52 12.75
CA HIS B 1 -9.34 -18.65 13.33
C HIS B 1 -9.41 -17.23 12.75
N HIS B 2 -9.78 -16.26 13.59
CA HIS B 2 -9.97 -14.83 13.25
C HIS B 2 -8.64 -14.18 12.87
N MET B 3 -7.54 -14.55 13.54
CA MET B 3 -6.22 -13.89 13.36
C MET B 3 -5.56 -14.46 12.10
N SER B 4 -6.03 -14.05 10.90
CA SER B 4 -5.63 -14.64 9.61
C SER B 4 -5.39 -13.58 8.52
N GLU B 5 -4.72 -14.03 7.47
CA GLU B 5 -4.50 -13.24 6.25
C GLU B 5 -5.86 -12.78 5.71
N ALA B 6 -6.85 -13.68 5.65
CA ALA B 6 -8.21 -13.36 5.15
C ALA B 6 -8.85 -12.22 5.94
N THR B 7 -8.64 -12.13 7.26
CA THR B 7 -9.21 -11.03 8.07
C THR B 7 -8.47 -9.74 7.75
N LEU B 8 -7.13 -9.78 7.72
CA LEU B 8 -6.30 -8.59 7.38
C LEU B 8 -6.68 -8.04 6.00
N LEU B 9 -6.78 -8.92 5.00
CA LEU B 9 -7.18 -8.53 3.63
C LEU B 9 -8.51 -7.76 3.69
N SER B 10 -9.48 -8.27 4.45
CA SER B 10 -10.83 -7.67 4.52
C SER B 10 -10.68 -6.26 5.08
N TYR B 11 -9.64 -5.99 5.88
CA TYR B 11 -9.40 -4.62 6.44
C TYR B 11 -8.76 -3.74 5.36
N THR B 12 -7.83 -4.29 4.59
CA THR B 12 -7.14 -3.57 3.50
C THR B 12 -8.19 -3.10 2.49
N LYS B 13 -9.13 -3.98 2.14
CA LYS B 13 -10.21 -3.72 1.15
C LYS B 13 -11.07 -2.53 1.60
N LYS B 14 -11.37 -2.40 2.89
CA LYS B 14 -12.12 -1.22 3.41
C LYS B 14 -11.31 0.06 3.19
N LEU B 15 -9.98 -0.02 3.17
CA LEU B 15 -9.10 1.18 3.06
C LEU B 15 -9.03 1.65 1.60
N LEU B 16 -9.33 0.75 0.66
CA LEU B 16 -9.28 1.02 -0.80
C LEU B 16 -10.62 1.58 -1.26
N ALA B 17 -11.69 1.40 -0.47
CA ALA B 17 -13.06 1.87 -0.79
C ALA B 17 -13.07 3.40 -0.89
N SER B 18 -14.10 3.95 -1.57
CA SER B 18 -14.26 5.39 -1.85
C SER B 18 -15.58 5.90 -1.27
N PRO B 19 -15.59 6.59 -0.11
CA PRO B 19 -14.38 6.85 0.69
C PRO B 19 -14.07 5.65 1.57
N PRO B 20 -12.92 5.64 2.28
CA PRO B 20 -12.54 4.51 3.15
C PRO B 20 -13.64 4.14 4.16
N GLN B 21 -13.66 2.85 4.55
CA GLN B 21 -14.68 2.25 5.44
C GLN B 21 -14.00 1.62 6.66
N LEU B 22 -12.71 1.90 6.88
CA LEU B 22 -11.99 1.36 8.07
C LEU B 22 -12.29 2.29 9.25
N SER B 23 -13.01 1.78 10.25
CA SER B 23 -13.23 2.45 11.56
C SER B 23 -11.93 2.47 12.36
N SER B 24 -11.84 3.34 13.36
CA SER B 24 -10.71 3.33 14.32
C SER B 24 -10.66 1.97 15.02
N THR B 25 -11.84 1.38 15.31
CA THR B 25 -11.89 0.07 16.02
C THR B 25 -11.40 -1.01 15.04
N ASP B 26 -11.70 -0.86 13.75
CA ASP B 26 -11.21 -1.80 12.71
C ASP B 26 -9.69 -1.81 12.73
N LEU B 27 -9.07 -0.62 12.86
CA LEU B 27 -7.59 -0.48 12.86
C LEU B 27 -7.04 -1.20 14.08
N HIS B 28 -7.70 -1.05 15.23
CA HIS B 28 -7.30 -1.74 16.47
C HIS B 28 -7.29 -3.24 16.21
N ASP B 29 -8.34 -3.80 15.60
CA ASP B 29 -8.41 -5.26 15.30
C ASP B 29 -7.39 -5.64 14.22
N ALA B 30 -7.18 -4.84 13.19
CA ALA B 30 -6.18 -5.15 12.15
C ALA B 30 -4.79 -5.23 12.78
N LEU B 31 -4.47 -4.34 13.72
CA LEU B 31 -3.12 -4.31 14.36
C LEU B 31 -2.92 -5.58 15.19
N LEU B 32 -3.93 -6.03 15.91
CA LEU B 32 -3.82 -7.30 16.66
C LEU B 32 -3.61 -8.46 15.68
N VAL B 33 -4.27 -8.46 14.55
CA VAL B 33 -4.11 -9.53 13.52
C VAL B 33 -2.68 -9.48 12.96
N ILE B 34 -2.18 -8.28 12.64
CA ILE B 34 -0.79 -8.12 12.12
C ILE B 34 0.20 -8.64 13.18
N LEU B 35 0.05 -8.20 14.44
CA LEU B 35 0.99 -8.60 15.54
C LEU B 35 1.00 -10.12 15.66
N SER B 36 -0.17 -10.75 15.63
CA SER B 36 -0.34 -12.22 15.68
C SER B 36 0.37 -12.85 14.48
N LEU B 37 -0.01 -12.49 13.25
CA LEU B 37 0.55 -13.07 11.99
C LEU B 37 2.08 -12.97 11.99
N LEU B 38 2.63 -11.83 12.39
CA LEU B 38 4.09 -11.58 12.32
C LEU B 38 4.82 -12.47 13.32
N GLN B 39 4.30 -12.66 14.53
CA GLN B 39 5.06 -13.38 15.59
C GLN B 39 5.00 -14.89 15.31
N LYS B 40 3.95 -15.37 14.65
CA LYS B 40 3.75 -16.80 14.32
C LYS B 40 4.34 -17.11 12.94
N CYS B 41 5.23 -16.24 12.47
CA CYS B 41 5.73 -16.21 11.07
C CYS B 41 6.72 -17.35 10.83
N ASP B 42 6.24 -18.43 10.22
CA ASP B 42 7.04 -19.55 9.67
C ASP B 42 8.15 -18.94 8.78
N THR B 43 9.39 -18.91 9.26
CA THR B 43 10.59 -18.40 8.55
C THR B 43 10.79 -19.19 7.24
N ASN B 44 11.17 -18.50 6.15
CA ASN B 44 11.57 -19.14 4.85
C ASN B 44 10.35 -19.76 4.13
N SER B 45 9.12 -19.43 4.53
CA SER B 45 7.92 -20.02 3.89
C SER B 45 7.33 -19.03 2.87
N ASP B 46 6.61 -19.57 1.89
CA ASP B 46 5.73 -18.79 1.00
C ASP B 46 4.69 -18.05 1.88
N GLU B 47 4.23 -18.67 2.97
CA GLU B 47 3.30 -18.08 3.96
C GLU B 47 3.88 -16.77 4.52
N SER B 48 5.16 -16.79 4.85
CA SER B 48 5.89 -15.59 5.34
C SER B 48 5.85 -14.49 4.27
N LEU B 49 6.23 -14.84 3.05
CA LEU B 49 6.23 -13.91 1.91
C LEU B 49 4.85 -13.24 1.78
N SER B 50 3.79 -14.06 1.87
CA SER B 50 2.38 -13.63 1.72
C SER B 50 1.98 -12.72 2.89
N ILE B 51 2.39 -13.05 4.11
CA ILE B 51 2.01 -12.27 5.33
C ILE B 51 2.60 -10.87 5.19
N TYR B 52 3.89 -10.81 4.90
CA TYR B 52 4.65 -9.54 4.71
C TYR B 52 4.01 -8.76 3.58
N THR B 53 3.51 -9.44 2.55
CA THR B 53 2.88 -8.77 1.39
C THR B 53 1.63 -8.06 1.90
N LYS B 54 0.82 -8.75 2.70
CA LYS B 54 -0.48 -8.21 3.19
C LYS B 54 -0.24 -7.13 4.24
N VAL B 55 0.72 -7.29 5.15
CA VAL B 55 0.97 -6.32 6.26
C VAL B 55 1.47 -5.01 5.63
N SER B 56 2.41 -5.12 4.69
CA SER B 56 3.00 -3.97 3.95
C SER B 56 1.89 -3.21 3.21
N SER B 57 1.02 -3.94 2.54
CA SER B 57 -0.13 -3.42 1.76
C SER B 57 -1.07 -2.64 2.69
N PHE B 58 -1.45 -3.25 3.81
CA PHE B 58 -2.38 -2.59 4.78
C PHE B 58 -1.77 -1.31 5.35
N LEU B 59 -0.51 -1.36 5.78
CA LEU B 59 0.15 -0.19 6.43
C LEU B 59 0.37 0.90 5.39
N THR B 60 0.70 0.52 4.15
CA THR B 60 0.94 1.50 3.07
C THR B 60 -0.39 2.20 2.79
N ALA B 61 -1.44 1.42 2.54
CA ALA B 61 -2.79 1.94 2.22
C ALA B 61 -3.29 2.86 3.33
N LEU B 62 -3.01 2.51 4.59
CA LEU B 62 -3.43 3.32 5.76
C LEU B 62 -2.70 4.67 5.71
N ARG B 63 -1.42 4.64 5.36
CA ARG B 63 -0.56 5.83 5.29
C ARG B 63 -1.07 6.74 4.15
N VAL B 64 -1.34 6.18 2.98
CA VAL B 64 -1.75 7.00 1.79
C VAL B 64 -3.11 7.67 2.05
N THR B 65 -4.04 6.98 2.74
CA THR B 65 -5.38 7.52 3.16
C THR B 65 -5.22 8.58 4.25
N LYS B 66 -4.08 8.63 4.93
CA LYS B 66 -3.78 9.59 6.04
C LYS B 66 -4.65 9.31 7.27
N LEU B 67 -5.45 8.25 7.26
CA LEU B 67 -6.26 7.90 8.46
C LEU B 67 -5.33 7.66 9.66
N ASP B 68 -4.05 7.34 9.44
CA ASP B 68 -3.08 7.06 10.54
C ASP B 68 -2.64 8.37 11.20
N HIS B 69 -3.12 9.53 10.71
CA HIS B 69 -2.80 10.87 11.31
C HIS B 69 -4.04 11.48 11.98
N LYS B 70 -5.08 10.67 12.18
CA LYS B 70 -6.33 11.06 12.89
C LYS B 70 -6.28 10.53 14.32
N ALA B 71 -6.61 11.40 15.26
CA ALA B 71 -6.55 11.14 16.72
C ALA B 71 -7.06 9.75 17.09
N GLU B 72 -8.25 9.36 16.62
CA GLU B 72 -8.97 8.18 17.13
C GLU B 72 -8.23 6.91 16.65
N TYR B 73 -7.61 7.00 15.47
CA TYR B 73 -6.83 5.91 14.83
C TYR B 73 -5.48 5.75 15.55
N ILE B 74 -4.79 6.86 15.80
CA ILE B 74 -3.50 6.86 16.54
C ILE B 74 -3.74 6.18 17.89
N ALA B 75 -4.77 6.63 18.61
CA ALA B 75 -5.11 6.15 19.97
C ALA B 75 -5.45 4.66 19.92
N GLU B 76 -6.25 4.20 18.94
CA GLU B 76 -6.61 2.77 18.83
C GLU B 76 -5.34 1.97 18.46
N ALA B 77 -4.44 2.56 17.65
CA ALA B 77 -3.18 1.89 17.28
C ALA B 77 -2.35 1.67 18.55
N ALA B 78 -2.23 2.69 19.41
CA ALA B 78 -1.38 2.61 20.62
C ALA B 78 -1.94 1.53 21.55
N LYS B 79 -3.26 1.48 21.69
CA LYS B 79 -3.93 0.52 22.61
C LYS B 79 -3.73 -0.92 22.11
N ALA B 80 -3.79 -1.14 20.80
CA ALA B 80 -3.55 -2.46 20.18
C ALA B 80 -2.11 -2.91 20.49
N VAL B 81 -1.13 -2.03 20.33
CA VAL B 81 0.30 -2.39 20.57
C VAL B 81 0.49 -2.70 22.07
N LEU B 82 -0.19 -1.94 22.91
CA LEU B 82 -0.08 -2.02 24.40
C LEU B 82 -0.60 -3.38 24.89
N ARG B 83 -1.52 -4.03 24.16
CA ARG B 83 -1.97 -5.41 24.47
C ARG B 83 -0.81 -6.43 24.44
N HIS B 84 0.35 -6.08 23.88
CA HIS B 84 1.54 -6.97 23.74
C HIS B 84 2.69 -6.49 24.64
N SER B 85 2.51 -5.43 25.41
CA SER B 85 3.57 -4.87 26.28
C SER B 85 3.50 -5.49 27.67
N ASP B 86 4.63 -5.47 28.38
CA ASP B 86 4.70 -5.61 29.86
C ASP B 86 4.27 -4.27 30.49
N LEU B 87 3.29 -4.27 31.40
CA LEU B 87 2.83 -3.03 32.10
C LEU B 87 3.37 -3.04 33.53
N VAL B 88 3.65 -1.86 34.07
CA VAL B 88 4.22 -1.73 35.44
C VAL B 88 3.06 -1.58 36.43
N ASP B 89 3.12 -2.38 37.49
CA ASP B 89 2.10 -2.43 38.57
C ASP B 89 2.63 -1.67 39.79
N LEU B 90 2.01 -0.57 40.17
CA LEU B 90 2.43 0.24 41.35
C LEU B 90 1.25 0.45 42.29
N PRO B 91 1.44 0.36 43.64
CA PRO B 91 0.37 0.66 44.61
C PRO B 91 -0.01 2.14 44.85
N LEU B 92 -1.30 2.37 45.11
CA LEU B 92 -1.93 3.67 45.45
C LEU B 92 -1.74 4.66 44.28
N PRO B 104 3.82 14.51 45.01
CA PRO B 104 4.72 14.91 43.92
C PRO B 104 4.07 14.64 42.55
N VAL B 105 4.34 15.52 41.58
CA VAL B 105 3.81 15.42 40.19
C VAL B 105 4.76 14.49 39.44
N ILE B 106 4.22 13.49 38.74
CA ILE B 106 5.01 12.46 37.99
C ILE B 106 4.96 12.85 36.51
N LEU B 107 6.12 13.11 35.90
CA LEU B 107 6.14 13.60 34.50
C LEU B 107 6.98 12.68 33.63
N ASP B 108 6.68 12.75 32.33
CA ASP B 108 7.43 12.13 31.21
C ASP B 108 7.65 13.26 30.20
N ILE B 109 8.71 13.15 29.40
CA ILE B 109 9.01 14.09 28.29
C ILE B 109 9.62 13.25 27.18
N VAL B 110 9.05 13.29 25.99
CA VAL B 110 9.43 12.35 24.89
C VAL B 110 8.85 12.89 23.58
N GLY B 111 9.62 12.84 22.50
CA GLY B 111 9.16 13.21 21.16
C GLY B 111 8.93 11.98 20.28
N THR B 112 8.17 12.13 19.20
CA THR B 112 7.91 11.09 18.17
C THR B 112 9.21 10.76 17.41
N GLY B 113 10.18 11.66 17.39
CA GLY B 113 11.24 11.61 16.36
C GLY B 113 10.66 11.82 14.97
N GLY B 114 11.47 11.59 13.93
CA GLY B 114 11.07 11.69 12.52
C GLY B 114 11.10 13.13 12.01
N ASP B 115 11.90 14.01 12.62
CA ASP B 115 12.04 15.44 12.24
C ASP B 115 13.30 15.63 11.39
N GLY B 116 14.07 14.55 11.17
CA GLY B 116 15.34 14.59 10.42
C GLY B 116 16.39 15.48 11.07
N GLN B 117 16.26 15.82 12.35
CA GLN B 117 17.28 16.64 13.06
C GLN B 117 18.19 15.70 13.86
N ASN B 118 19.42 16.12 14.13
CA ASN B 118 20.34 15.34 14.99
C ASN B 118 20.85 16.27 16.07
N THR B 119 19.94 16.80 16.88
CA THR B 119 20.23 17.73 18.00
C THR B 119 20.61 16.91 19.23
N PHE B 120 21.17 17.56 20.23
CA PHE B 120 21.57 16.98 21.55
C PHE B 120 20.33 16.39 22.23
N ASN B 121 20.52 15.31 22.99
CA ASN B 121 19.44 14.54 23.67
C ASN B 121 18.88 15.42 24.80
N VAL B 122 18.00 16.34 24.44
CA VAL B 122 17.53 17.41 25.37
C VAL B 122 16.36 16.87 26.22
N SER B 123 15.52 15.97 25.67
CA SER B 123 14.44 15.28 26.42
C SER B 123 15.01 14.60 27.66
N THR B 124 15.98 13.71 27.49
CA THR B 124 16.65 12.94 28.58
C THR B 124 17.33 13.92 29.55
N SER B 125 18.02 14.92 29.02
CA SER B 125 18.78 15.94 29.79
C SER B 125 17.81 16.75 30.66
N ALA B 126 16.73 17.25 30.07
CA ALA B 126 15.71 18.06 30.80
C ALA B 126 14.98 17.17 31.81
N ALA B 127 14.73 15.89 31.46
CA ALA B 127 14.14 14.90 32.39
C ALA B 127 15.01 14.83 33.65
N ILE B 128 16.33 14.72 33.49
CA ILE B 128 17.28 14.54 34.62
C ILE B 128 17.32 15.82 35.46
N VAL B 129 17.36 16.99 34.83
CA VAL B 129 17.49 18.28 35.56
C VAL B 129 16.18 18.51 36.30
N ALA B 130 15.04 18.30 35.63
CA ALA B 130 13.70 18.42 36.25
C ALA B 130 13.60 17.49 37.46
N SER B 131 14.19 16.29 37.41
CA SER B 131 14.12 15.33 38.53
C SER B 131 14.93 15.82 39.75
N GLY B 132 15.56 16.98 39.66
CA GLY B 132 16.34 17.55 40.77
C GLY B 132 15.54 18.60 41.51
N ILE B 133 14.41 19.00 40.92
CA ILE B 133 13.48 20.05 41.46
C ILE B 133 12.52 19.38 42.44
N GLN B 134 12.37 19.96 43.63
CA GLN B 134 11.50 19.42 44.72
C GLN B 134 10.06 19.37 44.24
N GLY B 135 9.40 18.23 44.52
CA GLY B 135 7.97 17.97 44.26
C GLY B 135 7.76 17.36 42.89
N LEU B 136 8.85 17.10 42.16
CA LEU B 136 8.79 16.51 40.79
C LEU B 136 9.40 15.11 40.85
N LYS B 137 8.73 14.16 40.22
CA LYS B 137 9.28 12.80 39.98
C LYS B 137 9.27 12.58 38.47
N ILE B 138 10.37 12.10 37.91
CA ILE B 138 10.49 11.95 36.44
C ILE B 138 10.60 10.46 36.12
N CYS B 139 9.63 9.96 35.36
CA CYS B 139 9.66 8.59 34.81
C CYS B 139 9.65 8.73 33.30
N LYS B 140 10.85 8.91 32.72
CA LYS B 140 11.07 9.11 31.27
C LYS B 140 11.05 7.74 30.59
N HIS B 141 10.35 7.66 29.49
CA HIS B 141 10.22 6.46 28.64
C HIS B 141 10.73 6.82 27.24
N GLY B 142 11.61 6.00 26.65
CA GLY B 142 12.11 6.25 25.28
C GLY B 142 13.00 5.16 24.75
N GLY B 143 13.48 5.33 23.50
CA GLY B 143 14.20 4.33 22.69
C GLY B 143 15.63 4.74 22.41
N ALA B 152 18.21 8.59 22.91
CA ALA B 152 17.94 8.69 24.36
C ALA B 152 18.49 7.46 25.09
N GLY B 153 18.14 6.26 24.60
CA GLY B 153 18.44 4.95 25.21
C GLY B 153 19.92 4.59 25.18
N ASP B 154 20.67 5.16 24.24
CA ASP B 154 22.15 4.99 24.19
C ASP B 154 22.80 5.91 25.23
N LEU B 155 22.33 7.16 25.34
CA LEU B 155 22.89 8.16 26.28
C LEU B 155 22.84 7.61 27.71
N ILE B 156 21.65 7.17 28.15
CA ILE B 156 21.43 6.68 29.55
C ILE B 156 22.24 5.39 29.76
N GLY B 157 22.44 4.59 28.71
CA GLY B 157 23.33 3.40 28.72
C GLY B 157 24.78 3.75 29.00
N THR B 158 25.31 4.80 28.39
CA THR B 158 26.75 5.16 28.48
C THR B 158 26.97 5.97 29.75
N LEU B 159 25.92 6.21 30.53
CA LEU B 159 25.98 6.96 31.81
C LEU B 159 26.29 6.03 32.99
N GLY B 160 26.72 4.79 32.71
CA GLY B 160 27.13 3.78 33.71
C GLY B 160 25.97 2.88 34.12
N CYS B 161 24.97 2.74 33.24
CA CYS B 161 23.61 2.21 33.54
C CYS B 161 23.33 0.95 32.73
N ASP B 162 22.90 -0.11 33.43
CA ASP B 162 22.51 -1.42 32.87
C ASP B 162 21.00 -1.44 32.60
N MET B 163 20.56 -1.03 31.40
CA MET B 163 19.13 -0.71 31.14
C MET B 163 18.30 -1.98 31.00
N PHE B 164 18.90 -3.14 30.72
CA PHE B 164 18.15 -4.42 30.67
C PHE B 164 17.76 -4.91 32.08
N LYS B 165 18.30 -4.34 33.17
CA LYS B 165 17.85 -4.65 34.56
C LYS B 165 16.60 -3.83 34.93
N VAL B 166 16.27 -2.81 34.13
CA VAL B 166 15.06 -1.94 34.33
C VAL B 166 13.93 -2.53 33.47
N ASN B 167 13.01 -3.22 34.11
CA ASN B 167 11.88 -3.93 33.44
C ASN B 167 10.65 -3.79 34.35
N SER B 168 9.51 -4.30 33.90
CA SER B 168 8.23 -4.19 34.64
C SER B 168 8.37 -4.81 36.04
N SER B 169 9.24 -5.81 36.21
CA SER B 169 9.45 -6.47 37.52
C SER B 169 10.34 -5.62 38.45
N THR B 170 11.37 -4.93 37.93
CA THR B 170 12.28 -4.12 38.79
C THR B 170 11.81 -2.67 38.94
N VAL B 171 11.02 -2.10 38.03
CA VAL B 171 10.58 -0.66 38.15
C VAL B 171 9.90 -0.43 39.52
N PRO B 172 8.99 -1.30 39.98
CA PRO B 172 8.35 -1.08 41.29
C PRO B 172 9.32 -1.01 42.50
N LYS B 173 10.49 -1.65 42.41
CA LYS B 173 11.55 -1.58 43.46
C LYS B 173 12.28 -0.23 43.40
N LEU B 174 12.44 0.32 42.20
CA LEU B 174 13.18 1.57 41.91
C LEU B 174 12.30 2.75 42.31
N TRP B 175 10.99 2.60 42.17
CA TRP B 175 9.98 3.68 42.30
C TRP B 175 10.15 4.45 43.60
N PRO B 176 10.00 3.85 44.80
CA PRO B 176 9.79 4.62 46.03
C PRO B 176 10.82 5.72 46.30
N ASP B 177 12.11 5.47 46.03
CA ASP B 177 13.22 6.35 46.51
C ASP B 177 14.07 6.90 45.33
N ASN B 178 13.50 6.97 44.12
CA ASN B 178 14.16 7.60 42.95
C ASN B 178 13.30 8.77 42.45
N THR B 179 13.89 9.96 42.32
CA THR B 179 13.26 11.16 41.70
C THR B 179 13.39 11.09 40.18
N PHE B 180 14.39 10.38 39.67
CA PHE B 180 14.57 10.14 38.22
C PHE B 180 14.51 8.64 37.94
N MET B 181 13.84 8.30 36.86
CA MET B 181 13.80 6.92 36.31
C MET B 181 13.84 7.02 34.78
N PHE B 182 14.47 6.05 34.12
CA PHE B 182 14.42 5.93 32.65
C PHE B 182 14.02 4.51 32.28
N LEU B 183 12.96 4.34 31.49
CA LEU B 183 12.47 3.03 31.00
C LEU B 183 12.79 2.94 29.50
N LEU B 184 13.52 1.92 29.08
CA LEU B 184 13.91 1.73 27.65
C LEU B 184 12.80 0.94 26.95
N ALA B 185 12.09 1.58 26.02
CA ALA B 185 10.82 1.11 25.36
C ALA B 185 10.91 -0.36 24.93
N PRO B 186 11.94 -0.77 24.16
CA PRO B 186 12.03 -2.13 23.64
C PRO B 186 12.10 -3.25 24.70
N PHE B 187 12.29 -2.93 25.99
CA PHE B 187 12.22 -3.91 27.09
C PHE B 187 10.79 -4.06 27.62
N PHE B 188 9.82 -3.31 27.08
CA PHE B 188 8.39 -3.38 27.50
C PHE B 188 7.48 -3.75 26.32
N HIS B 189 7.74 -3.19 25.14
CA HIS B 189 6.76 -3.20 24.00
C HIS B 189 7.13 -4.29 23.00
N HIS B 190 6.88 -5.54 23.36
CA HIS B 190 7.19 -6.76 22.56
C HIS B 190 6.44 -6.66 21.23
N GLY B 191 5.27 -6.03 21.21
CA GLY B 191 4.53 -5.79 19.96
C GLY B 191 5.40 -5.05 18.96
N MET B 192 6.05 -3.97 19.38
CA MET B 192 6.87 -3.13 18.46
C MET B 192 8.01 -3.97 17.89
N GLY B 193 8.56 -4.90 18.69
CA GLY B 193 9.59 -5.87 18.25
C GLY B 193 9.12 -6.71 17.07
N HIS B 194 7.85 -7.12 17.01
CA HIS B 194 7.36 -8.04 15.94
C HIS B 194 7.33 -7.34 14.57
N VAL B 195 7.13 -6.02 14.53
CA VAL B 195 6.99 -5.21 13.27
C VAL B 195 8.33 -4.52 12.95
N SER B 196 9.35 -4.72 13.78
CA SER B 196 10.67 -4.07 13.64
C SER B 196 11.21 -4.27 12.22
N LYS B 197 11.19 -5.53 11.75
CA LYS B 197 11.80 -5.96 10.47
C LYS B 197 10.94 -5.45 9.30
N ILE B 198 9.63 -5.56 9.35
CA ILE B 198 8.81 -5.10 8.19
C ILE B 198 8.92 -3.57 8.12
N ARG B 199 9.12 -2.89 9.25
CA ARG B 199 9.29 -1.42 9.28
C ARG B 199 10.58 -1.04 8.54
N LYS B 200 11.67 -1.79 8.75
CA LYS B 200 12.95 -1.58 8.03
C LYS B 200 12.70 -1.72 6.53
N PHE B 201 12.15 -2.87 6.15
CA PHE B 201 11.91 -3.29 4.74
C PHE B 201 11.05 -2.21 4.06
N LEU B 202 10.04 -1.71 4.76
CA LEU B 202 9.08 -0.74 4.18
C LEU B 202 9.82 0.53 3.75
N GLY B 203 10.67 1.05 4.63
CA GLY B 203 11.46 2.27 4.39
C GLY B 203 10.59 3.52 4.29
N ILE B 204 9.26 3.42 4.44
CA ILE B 204 8.34 4.59 4.52
C ILE B 204 7.84 4.73 5.95
N PRO B 205 7.41 5.95 6.36
CA PRO B 205 6.75 6.14 7.65
C PRO B 205 5.41 5.37 7.65
N THR B 206 5.04 4.83 8.81
CA THR B 206 3.74 4.18 9.14
C THR B 206 3.25 4.73 10.48
N VAL B 207 2.04 4.34 10.85
CA VAL B 207 1.43 4.58 12.19
C VAL B 207 2.42 4.27 13.32
N PHE B 208 3.26 3.24 13.18
CA PHE B 208 4.22 2.82 14.25
C PHE B 208 5.21 3.95 14.59
N ASN B 209 5.43 4.88 13.67
CA ASN B 209 6.46 5.94 13.78
C ASN B 209 6.05 6.95 14.87
N VAL B 210 4.79 6.95 15.31
CA VAL B 210 4.29 8.00 16.25
C VAL B 210 3.69 7.37 17.51
N LEU B 211 3.85 6.07 17.75
CA LEU B 211 3.24 5.38 18.93
C LEU B 211 4.12 5.47 20.19
N GLY B 212 5.44 5.59 20.06
CA GLY B 212 6.37 5.53 21.20
C GLY B 212 5.89 6.34 22.41
N PRO B 213 5.64 7.65 22.24
CA PRO B 213 5.18 8.49 23.36
C PRO B 213 3.88 8.05 24.02
N LEU B 214 3.07 7.25 23.33
CA LEU B 214 1.73 6.85 23.82
C LEU B 214 1.79 5.43 24.41
N LEU B 215 2.97 4.84 24.56
CA LEU B 215 3.09 3.47 25.14
C LEU B 215 3.71 3.50 26.54
N HIS B 216 3.60 4.59 27.32
CA HIS B 216 4.12 4.62 28.71
C HIS B 216 3.56 3.41 29.44
N PRO B 217 4.44 2.55 30.02
CA PRO B 217 4.01 1.38 30.79
C PRO B 217 3.58 1.63 32.25
N VAL B 218 3.72 2.87 32.72
CA VAL B 218 3.38 3.27 34.13
C VAL B 218 2.16 4.19 34.07
N SER B 219 1.04 3.73 34.60
CA SER B 219 -0.26 4.44 34.58
C SER B 219 -0.27 5.64 35.55
N HIS B 220 0.68 5.73 36.47
CA HIS B 220 0.69 6.74 37.57
C HIS B 220 1.21 8.11 37.08
N VAL B 221 1.82 8.18 35.89
CA VAL B 221 2.36 9.44 35.30
C VAL B 221 1.21 10.44 35.13
N ASN B 222 1.36 11.65 35.66
CA ASN B 222 0.29 12.68 35.77
C ASN B 222 0.34 13.66 34.60
N LYS B 223 1.54 14.06 34.20
CA LYS B 223 1.72 15.14 33.18
C LYS B 223 2.87 14.75 32.25
N ARG B 224 2.84 15.21 31.01
CA ARG B 224 3.87 14.85 30.02
C ARG B 224 3.97 15.92 28.94
N ILE B 225 5.18 16.11 28.44
CA ILE B 225 5.48 16.85 27.18
C ILE B 225 5.75 15.81 26.10
N LEU B 226 4.96 15.82 25.03
CA LEU B 226 5.15 14.99 23.81
C LEU B 226 5.47 15.91 22.64
N GLY B 227 6.68 15.83 22.11
CA GLY B 227 7.03 16.53 20.87
C GLY B 227 6.62 15.75 19.64
N VAL B 228 6.21 16.46 18.59
CA VAL B 228 5.82 15.85 17.28
C VAL B 228 6.70 16.47 16.22
N TYR B 229 6.84 15.80 15.08
CA TYR B 229 7.73 16.26 13.97
C TYR B 229 7.02 17.28 13.06
N SER B 230 5.68 17.26 12.97
CA SER B 230 4.91 18.15 12.04
C SER B 230 3.79 18.94 12.73
N LYS B 231 3.61 20.18 12.28
CA LYS B 231 2.46 21.05 12.61
C LYS B 231 1.13 20.33 12.37
N GLU B 232 1.05 19.52 11.31
CA GLU B 232 -0.22 18.91 10.82
C GLU B 232 -0.67 17.84 11.81
N LEU B 233 0.27 16.98 12.22
CA LEU B 233 0.02 15.87 13.18
C LEU B 233 -0.38 16.44 14.55
N ALA B 234 0.23 17.56 14.96
CA ALA B 234 0.21 18.06 16.36
C ALA B 234 -1.21 18.05 16.93
N PRO B 235 -2.18 18.79 16.36
CA PRO B 235 -3.52 18.89 16.94
C PRO B 235 -4.19 17.52 17.11
N GLU B 236 -4.09 16.66 16.10
CA GLU B 236 -4.63 15.27 16.19
C GLU B 236 -3.85 14.47 17.24
N TYR B 237 -2.55 14.70 17.37
CA TYR B 237 -1.71 13.98 18.36
C TYR B 237 -2.12 14.44 19.75
N ALA B 238 -2.51 15.71 19.92
CA ALA B 238 -3.00 16.24 21.22
C ALA B 238 -4.26 15.47 21.60
N LYS B 239 -5.21 15.35 20.68
CA LYS B 239 -6.49 14.64 20.96
C LYS B 239 -6.19 13.16 21.22
N ALA B 240 -5.23 12.58 20.49
CA ALA B 240 -4.83 11.16 20.69
C ALA B 240 -4.28 10.98 22.11
N ALA B 241 -3.43 11.90 22.56
CA ALA B 241 -2.85 11.84 23.91
C ALA B 241 -3.98 11.86 24.93
N ALA B 242 -5.01 12.68 24.70
CA ALA B 242 -6.17 12.81 25.61
C ALA B 242 -6.94 11.49 25.68
N LEU B 243 -6.99 10.74 24.58
CA LEU B 243 -7.72 9.45 24.53
C LEU B 243 -6.90 8.38 25.25
N VAL B 244 -5.58 8.36 25.05
CA VAL B 244 -4.64 7.33 25.57
C VAL B 244 -4.33 7.59 27.06
N TYR B 245 -4.17 8.86 27.42
CA TYR B 245 -3.80 9.34 28.79
C TYR B 245 -4.89 10.25 29.36
N PRO B 246 -6.11 9.74 29.62
CA PRO B 246 -7.20 10.60 30.11
C PRO B 246 -6.93 11.11 31.53
N GLY B 247 -7.19 12.39 31.78
CA GLY B 247 -6.74 13.06 33.02
C GLY B 247 -5.23 13.00 33.18
N SER B 248 -4.49 13.10 32.09
CA SER B 248 -3.10 13.61 32.08
C SER B 248 -3.15 15.03 31.56
N GLU B 249 -2.60 16.00 32.29
CA GLU B 249 -2.29 17.33 31.73
C GLU B 249 -1.05 17.19 30.83
N THR B 250 -1.17 17.59 29.57
CA THR B 250 -0.21 17.26 28.49
C THR B 250 0.08 18.51 27.67
N PHE B 251 1.33 18.69 27.26
CA PHE B 251 1.76 19.63 26.19
C PHE B 251 2.25 18.81 25.00
N ILE B 252 1.69 19.05 23.82
CA ILE B 252 2.33 18.67 22.54
C ILE B 252 3.18 19.87 22.09
N VAL B 253 4.38 19.66 21.57
CA VAL B 253 5.26 20.80 21.17
C VAL B 253 5.79 20.53 19.77
N TRP B 254 5.90 21.59 18.98
CA TRP B 254 6.48 21.55 17.60
C TRP B 254 7.32 22.82 17.38
N GLY B 255 8.62 22.62 17.13
CA GLY B 255 9.55 23.69 16.73
C GLY B 255 9.37 24.02 15.27
N HIS B 256 9.15 25.29 14.96
CA HIS B 256 8.74 25.73 13.59
C HIS B 256 9.85 25.32 12.61
N VAL B 257 11.10 25.27 13.06
CA VAL B 257 12.23 24.78 12.21
C VAL B 257 11.99 23.32 11.80
N GLY B 258 11.02 22.64 12.42
CA GLY B 258 10.81 21.19 12.25
C GLY B 258 11.58 20.41 13.30
N LEU B 259 11.14 20.49 14.56
CA LEU B 259 11.82 19.89 15.73
C LEU B 259 10.76 19.38 16.68
N ASP B 260 10.94 18.16 17.22
CA ASP B 260 9.97 17.53 18.18
C ASP B 260 10.37 17.90 19.61
N GLU B 261 10.67 19.17 19.81
CA GLU B 261 11.27 19.73 21.03
C GLU B 261 10.92 21.21 21.09
N VAL B 262 11.05 21.87 22.24
CA VAL B 262 10.99 23.35 22.22
C VAL B 262 12.30 23.84 21.57
N SER B 263 12.21 24.57 20.48
CA SER B 263 13.38 24.91 19.61
C SER B 263 14.20 26.00 20.28
N PRO B 264 15.57 25.88 20.26
CA PRO B 264 16.45 26.92 20.78
C PRO B 264 16.58 28.08 19.77
N ILE B 265 16.00 27.91 18.58
CA ILE B 265 15.97 28.93 17.48
C ILE B 265 14.53 29.08 16.97
N GLY B 266 14.05 30.32 16.92
CA GLY B 266 12.71 30.66 16.41
C GLY B 266 11.63 30.26 17.39
N LYS B 267 10.41 30.08 16.89
CA LYS B 267 9.19 29.84 17.70
C LYS B 267 8.95 28.33 17.85
N THR B 268 8.17 27.98 18.87
CA THR B 268 7.57 26.66 19.12
C THR B 268 6.09 26.87 19.41
N THR B 269 5.21 26.08 18.81
CA THR B 269 3.77 26.06 19.14
C THR B 269 3.54 24.92 20.13
N VAL B 270 2.71 25.17 21.12
CA VAL B 270 2.35 24.22 22.19
C VAL B 270 0.83 23.98 22.15
N TRP B 271 0.41 22.72 22.11
CA TRP B 271 -1.02 22.36 22.21
C TRP B 271 -1.28 21.88 23.61
N HIS B 272 -2.01 22.65 24.40
CA HIS B 272 -2.28 22.35 25.83
C HIS B 272 -3.57 21.55 25.93
N ILE B 273 -3.46 20.29 26.32
CA ILE B 273 -4.63 19.43 26.62
C ILE B 273 -4.69 19.37 28.14
N ASP B 274 -5.69 20.01 28.75
CA ASP B 274 -5.81 20.12 30.23
C ASP B 274 -7.22 19.76 30.65
N PRO B 275 -7.45 18.56 31.24
CA PRO B 275 -8.78 18.13 31.69
C PRO B 275 -9.06 18.48 33.18
N LEU B 282 -8.69 21.97 24.97
CA LEU B 282 -7.60 22.06 23.95
C LEU B 282 -7.27 23.53 23.70
N LYS B 283 -6.13 24.00 24.22
CA LYS B 283 -5.64 25.39 24.08
C LYS B 283 -4.34 25.40 23.25
N THR B 284 -3.93 26.57 22.78
CA THR B 284 -2.78 26.75 21.88
C THR B 284 -2.08 28.07 22.23
N PHE B 285 -0.79 28.03 22.54
CA PHE B 285 0.06 29.25 22.70
C PHE B 285 1.42 29.01 22.02
N GLN B 286 2.28 30.03 22.01
CA GLN B 286 3.58 30.02 21.30
C GLN B 286 4.71 30.34 22.28
N LEU B 287 5.89 29.75 22.06
CA LEU B 287 7.10 30.00 22.89
C LEU B 287 8.23 30.49 21.97
N GLU B 288 9.14 31.25 22.57
CA GLU B 288 10.34 31.86 21.93
C GLU B 288 11.39 31.91 23.02
N PRO B 289 12.68 31.65 22.73
CA PRO B 289 13.74 31.78 23.73
C PRO B 289 13.73 33.09 24.52
N SER B 290 13.38 34.20 23.88
CA SER B 290 13.31 35.55 24.51
C SER B 290 12.49 35.46 25.80
N MET B 291 11.40 34.68 25.80
CA MET B 291 10.46 34.57 26.96
C MET B 291 11.08 33.82 28.15
N PHE B 292 12.25 33.19 27.96
CA PHE B 292 13.01 32.45 29.00
C PHE B 292 14.24 33.27 29.41
N GLY B 293 14.41 34.44 28.82
CA GLY B 293 15.58 35.31 29.08
C GLY B 293 16.82 34.72 28.49
N LEU B 294 16.70 34.01 27.36
CA LEU B 294 17.86 33.39 26.66
C LEU B 294 17.99 33.98 25.25
N GLU B 295 19.22 33.99 24.75
CA GLU B 295 19.54 34.20 23.32
C GLU B 295 19.08 32.98 22.51
N GLU B 296 18.82 33.18 21.22
CA GLU B 296 18.55 32.08 20.25
C GLU B 296 19.87 31.41 19.91
N HIS B 297 19.85 30.14 19.47
CA HIS B 297 21.02 29.38 18.97
C HIS B 297 20.60 28.53 17.78
N GLU B 298 21.44 28.43 16.76
CA GLU B 298 21.16 27.56 15.60
C GLU B 298 21.25 26.10 16.03
N LEU B 299 20.54 25.23 15.32
CA LEU B 299 20.53 23.78 15.53
C LEU B 299 21.92 23.20 15.28
N SER B 300 22.69 23.83 14.41
CA SER B 300 24.11 23.49 14.12
C SER B 300 24.94 23.62 15.40
N LYS B 301 24.60 24.59 16.26
CA LYS B 301 25.32 24.92 17.52
C LYS B 301 24.80 24.08 18.70
N CYS B 302 23.86 23.17 18.46
CA CYS B 302 23.18 22.35 19.50
C CYS B 302 23.18 20.90 19.05
N ALA B 303 24.23 20.47 18.36
CA ALA B 303 24.26 19.14 17.71
C ALA B 303 24.58 18.05 18.75
N SER B 304 24.22 16.81 18.41
CA SER B 304 24.61 15.58 19.15
C SER B 304 26.06 15.25 18.81
N TYR B 305 26.88 14.90 19.79
CA TYR B 305 28.28 14.45 19.57
C TYR B 305 28.36 12.91 19.67
N GLY B 306 27.24 12.21 19.48
CA GLY B 306 27.12 10.76 19.77
C GLY B 306 26.77 10.49 21.23
N PRO B 307 26.33 9.27 21.59
CA PRO B 307 25.99 8.95 22.98
C PRO B 307 27.14 9.07 24.00
N LYS B 308 28.35 8.59 23.68
CA LYS B 308 29.50 8.60 24.63
C LYS B 308 29.81 10.04 25.03
N GLU B 309 30.12 10.89 24.05
CA GLU B 309 30.48 12.33 24.28
C GLU B 309 29.26 13.07 24.85
N ASN B 310 28.03 12.68 24.48
CA ASN B 310 26.81 13.36 24.97
C ASN B 310 26.70 13.14 26.48
N ALA B 311 27.11 11.96 26.95
CA ALA B 311 27.15 11.62 28.39
C ALA B 311 28.28 12.43 29.04
N ARG B 312 29.48 12.47 28.45
CA ARG B 312 30.57 13.32 28.97
C ARG B 312 30.00 14.74 29.08
N ILE B 313 29.37 15.27 28.02
CA ILE B 313 28.88 16.68 28.05
C ILE B 313 27.81 16.83 29.13
N LEU B 314 26.84 15.91 29.22
CA LEU B 314 25.74 16.06 30.21
C LEU B 314 26.32 16.02 31.63
N LYS B 315 27.09 14.99 31.99
CA LYS B 315 27.55 14.76 33.38
C LYS B 315 28.64 15.76 33.79
N GLU B 316 29.64 16.01 32.95
CA GLU B 316 30.87 16.77 33.34
C GLU B 316 30.70 18.28 33.15
N GLU B 317 29.87 18.72 32.19
CA GLU B 317 29.71 20.16 31.83
C GLU B 317 28.39 20.73 32.36
N VAL B 318 27.25 20.12 32.00
CA VAL B 318 25.90 20.62 32.40
C VAL B 318 25.63 20.32 33.88
N LEU B 319 25.72 19.04 34.27
CA LEU B 319 25.27 18.55 35.60
C LEU B 319 26.29 18.92 36.67
N SER B 320 27.56 19.14 36.28
CA SER B 320 28.67 19.53 37.19
C SER B 320 28.64 21.03 37.49
N GLY B 321 27.90 21.85 36.72
CA GLY B 321 27.71 23.30 36.97
C GLY B 321 28.80 24.17 36.32
N LYS B 322 29.49 23.66 35.29
CA LYS B 322 30.55 24.40 34.54
C LYS B 322 29.94 25.60 33.80
N TYR B 323 28.70 25.47 33.34
CA TYR B 323 27.99 26.53 32.59
C TYR B 323 26.92 27.10 33.52
N HIS B 324 26.53 28.35 33.25
CA HIS B 324 25.58 29.14 34.07
C HIS B 324 24.54 29.80 33.15
N LEU B 325 23.38 30.16 33.73
CA LEU B 325 22.42 31.08 33.09
C LEU B 325 23.11 32.43 32.84
N GLY B 326 23.46 32.72 31.58
CA GLY B 326 24.15 33.95 31.22
C GLY B 326 25.36 33.71 30.33
N ASP B 327 25.93 32.51 30.34
CA ASP B 327 27.12 32.16 29.51
C ASP B 327 26.76 32.09 28.02
N ASN B 328 25.46 31.97 27.70
CA ASN B 328 24.94 31.81 26.32
C ASN B 328 25.53 30.54 25.71
N ASN B 329 25.81 29.51 26.51
CA ASN B 329 26.24 28.18 26.00
C ASN B 329 25.05 27.50 25.33
N PRO B 330 25.12 27.13 24.04
CA PRO B 330 23.91 26.71 23.31
C PRO B 330 23.22 25.47 23.90
N ILE B 331 23.96 24.37 24.10
CA ILE B 331 23.41 23.08 24.61
C ILE B 331 22.82 23.31 26.01
N TYR B 332 23.44 24.17 26.84
CA TYR B 332 23.02 24.41 28.24
C TYR B 332 21.70 25.19 28.22
N ASP B 333 21.62 26.24 27.41
CA ASP B 333 20.40 27.06 27.25
C ASP B 333 19.28 26.14 26.74
N TYR B 334 19.59 25.32 25.74
CA TYR B 334 18.63 24.41 25.08
C TYR B 334 18.01 23.49 26.14
N ILE B 335 18.86 22.92 27.01
CA ILE B 335 18.43 22.03 28.13
C ILE B 335 17.61 22.83 29.16
N LEU B 336 18.13 23.98 29.56
CA LEU B 336 17.49 24.87 30.57
C LEU B 336 16.07 25.24 30.14
N MET B 337 15.89 25.66 28.89
CA MET B 337 14.58 26.11 28.38
C MET B 337 13.59 24.94 28.41
N ASN B 338 14.03 23.72 28.06
CA ASN B 338 13.15 22.53 28.00
C ASN B 338 12.77 22.08 29.43
N THR B 339 13.70 22.17 30.38
CA THR B 339 13.43 21.86 31.81
C THR B 339 12.35 22.82 32.32
N ALA B 340 12.45 24.10 31.98
CA ALA B 340 11.57 25.18 32.47
C ALA B 340 10.15 24.93 31.97
N VAL B 341 9.98 24.53 30.71
CA VAL B 341 8.63 24.20 30.19
C VAL B 341 8.04 23.04 31.00
N LEU B 342 8.86 22.03 31.29
CA LEU B 342 8.44 20.84 32.06
C LEU B 342 8.09 21.27 33.50
N TYR B 343 8.88 22.14 34.11
CA TYR B 343 8.61 22.66 35.48
C TYR B 343 7.27 23.41 35.51
N CYS B 344 7.07 24.35 34.58
CA CYS B 344 5.83 25.15 34.46
C CYS B 344 4.62 24.22 34.28
N LEU B 345 4.68 23.27 33.33
CA LEU B 345 3.60 22.28 33.13
C LEU B 345 3.22 21.64 34.46
N SER B 346 4.23 21.22 35.22
CA SER B 346 4.10 20.51 36.53
C SER B 346 3.41 21.42 37.57
N GLN B 347 3.57 22.75 37.45
CA GLN B 347 3.13 23.74 38.46
C GLN B 347 1.75 24.32 38.11
N GLY B 348 1.27 24.16 36.87
CA GLY B 348 -0.06 24.63 36.46
C GLY B 348 -0.08 26.13 36.13
N HIS B 349 1.07 26.68 35.73
CA HIS B 349 1.24 28.11 35.37
C HIS B 349 2.20 28.24 34.18
N GLN B 350 2.39 29.47 33.70
CA GLN B 350 3.21 29.78 32.50
C GLN B 350 4.28 30.85 32.84
N ASN B 351 4.83 30.79 34.05
CA ASN B 351 5.93 31.70 34.46
C ASN B 351 7.27 31.11 34.03
N TRP B 352 7.56 31.21 32.74
CA TRP B 352 8.73 30.58 32.06
C TRP B 352 10.03 30.96 32.78
N LYS B 353 10.16 32.23 33.19
CA LYS B 353 11.42 32.76 33.80
C LYS B 353 11.64 32.12 35.18
N GLU B 354 10.55 31.81 35.90
CA GLU B 354 10.59 31.07 37.19
C GLU B 354 11.09 29.64 36.92
N GLY B 355 10.62 28.99 35.86
CA GLY B 355 11.06 27.64 35.46
C GLY B 355 12.55 27.62 35.19
N ILE B 356 13.07 28.68 34.60
CA ILE B 356 14.54 28.78 34.38
C ILE B 356 15.22 28.83 35.76
N ILE B 357 14.62 29.52 36.73
CA ILE B 357 15.24 29.75 38.08
C ILE B 357 15.40 28.38 38.75
N LYS B 358 14.36 27.56 38.70
CA LYS B 358 14.30 26.23 39.36
C LYS B 358 15.23 25.26 38.63
N ALA B 359 15.25 25.30 37.31
CA ALA B 359 16.17 24.51 36.48
C ALA B 359 17.63 24.86 36.84
N GLU B 360 17.97 26.14 36.89
CA GLU B 360 19.34 26.63 37.22
C GLU B 360 19.69 26.19 38.65
N GLU B 361 18.73 26.30 39.57
CA GLU B 361 18.91 25.87 40.99
C GLU B 361 19.19 24.36 41.03
N SER B 362 18.40 23.56 40.28
CA SER B 362 18.54 22.08 40.27
C SER B 362 19.96 21.70 39.89
N ILE B 363 20.51 22.36 38.88
CA ILE B 363 21.89 22.05 38.41
C ILE B 363 22.87 22.51 39.51
N HIS B 364 22.80 23.75 39.95
CA HIS B 364 23.91 24.38 40.71
C HIS B 364 23.83 24.02 42.20
N SER B 365 22.70 23.50 42.69
CA SER B 365 22.58 22.90 44.04
C SER B 365 23.27 21.53 44.07
N GLY B 366 23.55 20.96 42.89
CA GLY B 366 24.03 19.58 42.71
C GLY B 366 22.89 18.56 42.75
N ASN B 367 21.64 19.02 42.91
CA ASN B 367 20.44 18.15 43.01
C ASN B 367 20.23 17.33 41.72
N ALA B 368 20.36 17.94 40.55
CA ALA B 368 20.13 17.22 39.27
C ALA B 368 21.11 16.04 39.20
N LEU B 369 22.39 16.27 39.49
CA LEU B 369 23.44 15.23 39.35
C LEU B 369 23.21 14.14 40.41
N ARG B 370 22.79 14.53 41.61
CA ARG B 370 22.53 13.57 42.71
C ARG B 370 21.37 12.66 42.29
N SER B 371 20.33 13.22 41.66
CA SER B 371 19.15 12.48 41.15
C SER B 371 19.55 11.40 40.14
N LEU B 372 20.42 11.73 39.19
CA LEU B 372 20.87 10.78 38.15
C LEU B 372 21.73 9.71 38.82
N GLU B 373 22.63 10.14 39.69
CA GLU B 373 23.61 9.25 40.38
C GLU B 373 22.83 8.23 41.22
N HIS B 374 21.79 8.66 41.90
CA HIS B 374 20.93 7.79 42.73
C HIS B 374 20.28 6.72 41.84
N PHE B 375 19.78 7.10 40.67
CA PHE B 375 19.16 6.14 39.72
C PHE B 375 20.22 5.12 39.26
N ILE B 376 21.39 5.58 38.84
CA ILE B 376 22.50 4.72 38.33
C ILE B 376 22.90 3.67 39.39
N ASP B 377 23.01 4.10 40.66
CA ASP B 377 23.45 3.23 41.78
C ASP B 377 22.33 2.25 42.13
N SER B 378 21.08 2.72 42.15
CA SER B 378 19.84 1.92 42.33
C SER B 378 19.86 0.72 41.36
N VAL B 379 20.01 1.01 40.08
CA VAL B 379 20.00 -0.01 39.01
C VAL B 379 21.15 -0.98 39.24
N SER B 380 22.29 -0.49 39.73
CA SER B 380 23.49 -1.33 40.01
C SER B 380 23.18 -2.30 41.15
N SER B 381 22.34 -1.91 42.10
CA SER B 381 21.98 -2.74 43.29
C SER B 381 20.94 -3.80 42.92
N LEU B 382 20.21 -3.62 41.80
CA LEU B 382 19.23 -4.62 41.31
C LEU B 382 19.98 -5.92 40.95
C1 PRP C . -10.86 -12.29 -19.99
C2 PRP C . -9.32 -12.44 -20.02
C3 PRP C . -8.96 -12.87 -18.60
C4 PRP C . -10.25 -13.50 -18.13
C5 PRP C . -10.22 -13.68 -16.63
O1 PRP C . -11.61 -13.15 -20.86
O2 PRP C . -8.76 -13.38 -20.97
O3 PRP C . -7.93 -13.86 -18.49
O4 PRP C . -11.26 -12.63 -18.64
O5 PRP C . -11.08 -12.72 -16.06
P PRP C . -11.46 -12.84 -14.51
O1P PRP C . -10.36 -12.04 -13.83
O2P PRP C . -11.42 -14.35 -14.38
O3P PRP C . -12.88 -12.29 -14.34
PA PRP C . -11.71 -13.10 -22.47
O1A PRP C . -12.53 -11.87 -22.86
O2A PRP C . -10.34 -13.35 -23.05
O3A PRP C . -12.45 -14.51 -22.83
PB PRP C . -13.99 -15.09 -22.78
O1B PRP C . -14.23 -15.53 -21.32
O2B PRP C . -13.86 -16.24 -23.81
O3B PRP C . -14.94 -13.99 -23.13
MG MG D . -14.59 -11.66 -22.81
C1 PRP E . 13.01 10.37 20.78
C2 PRP E . 12.65 8.87 20.87
C3 PRP E . 13.22 8.27 19.57
C4 PRP E . 14.06 9.39 18.95
C5 PRP E . 13.78 9.49 17.49
O1 PRP E . 13.92 10.83 21.79
O2 PRP E . 13.07 8.19 22.09
O3 PRP E . 13.99 7.06 19.72
O4 PRP E . 13.64 10.63 19.52
O5 PRP E . 14.93 9.61 16.68
P PRP E . 14.64 9.44 15.11
O1P PRP E . 14.14 10.80 14.71
O2P PRP E . 15.97 8.99 14.55
O3P PRP E . 13.56 8.37 14.98
PA PRP E . 13.43 11.53 23.17
O1A PRP E . 12.83 10.39 24.00
O2A PRP E . 12.60 12.75 22.83
O3A PRP E . 14.86 11.90 23.91
PB PRP E . 16.15 12.88 23.51
O1B PRP E . 17.07 12.67 24.73
O2B PRP E . 15.57 14.30 23.33
O3B PRP E . 16.65 12.38 22.15
MG MG F . 13.38 14.71 22.37
#